data_4CTI
#
_entry.id   4CTI
#
_cell.length_a   71.060
_cell.length_b   76.620
_cell.length_c   97.370
_cell.angle_alpha   90.00
_cell.angle_beta   107.03
_cell.angle_gamma   90.00
#
_symmetry.space_group_name_H-M   'P 1 21 1'
#
_entity_poly.entity_id   1
_entity_poly.type   'polypeptide(L)'
_entity_poly.pdbx_seq_one_letter_code
;MSTITRPIIELSNTFDKIAEGNLEAEVPHQNRADEIGILAKSIERLRRSLKQLADDRTLLMAGVSHDLRTPLTRIRLATE
MMSEQDGYLAESINKDIEECNAIIEQFIDYLRTGQEMPMEMADLNAVLGEVIAAESGYEREIETALYPGSIEVKMHPLSI
KRAVANMVVNAARYGNGWIKVSSGTEPNRAWFQVEDDGPGIAPEQRKHLFQPFVRGDSARTISGTGLGLAIVQRIVDNHN
GMLELGTSERGGLSIRAWLPVPVTRAQGTTKEG
;
_entity_poly.pdbx_strand_id   A,B,C,D
#
# COMPACT_ATOMS: atom_id res chain seq x y z
N THR A 3 48.45 -28.72 -0.69
CA THR A 3 49.16 -27.82 0.20
C THR A 3 48.26 -26.68 0.67
N ILE A 4 47.03 -26.69 0.19
CA ILE A 4 46.08 -25.62 0.51
C ILE A 4 44.81 -26.13 1.18
N THR A 5 44.91 -27.29 1.83
CA THR A 5 43.76 -27.87 2.52
C THR A 5 43.45 -27.10 3.80
N ARG A 6 44.47 -26.93 4.64
CA ARG A 6 44.35 -26.19 5.89
C ARG A 6 43.80 -24.76 5.74
N PRO A 7 44.34 -23.98 4.77
CA PRO A 7 43.74 -22.65 4.59
C PRO A 7 42.26 -22.70 4.21
N ILE A 8 41.88 -23.67 3.39
CA ILE A 8 40.48 -23.84 3.01
C ILE A 8 39.62 -24.16 4.23
N ILE A 9 40.13 -25.03 5.11
CA ILE A 9 39.43 -25.38 6.33
C ILE A 9 39.25 -24.16 7.24
N GLU A 10 40.32 -23.36 7.35
CA GLU A 10 40.28 -22.15 8.16
C GLU A 10 39.27 -21.13 7.59
N LEU A 11 39.23 -21.02 6.27
CA LEU A 11 38.25 -20.16 5.61
C LEU A 11 36.84 -20.67 5.88
N SER A 12 36.68 -21.98 5.94
CA SER A 12 35.41 -22.59 6.29
C SER A 12 35.00 -22.17 7.69
N ASN A 13 35.96 -22.19 8.61
CA ASN A 13 35.72 -21.73 9.97
C ASN A 13 35.32 -20.25 9.99
N THR A 14 35.95 -19.46 9.14
CA THR A 14 35.64 -18.04 9.03
C THR A 14 34.20 -17.83 8.58
N PHE A 15 33.81 -18.55 7.53
CA PHE A 15 32.43 -18.50 7.03
C PHE A 15 31.46 -18.92 8.11
N ASP A 16 31.84 -19.94 8.89
CA ASP A 16 31.01 -20.41 9.99
C ASP A 16 30.81 -19.32 11.03
N LYS A 17 31.89 -18.60 11.36
CA LYS A 17 31.81 -17.52 12.33
C LYS A 17 30.95 -16.37 11.85
N ILE A 18 31.12 -16.00 10.58
CA ILE A 18 30.34 -14.91 9.99
C ILE A 18 28.85 -15.25 9.88
N ALA A 19 28.56 -16.49 9.51
CA ALA A 19 27.18 -16.94 9.33
C ALA A 19 26.36 -16.88 10.62
N GLU A 20 27.03 -17.02 11.76
CA GLU A 20 26.34 -16.99 13.04
C GLU A 20 26.31 -15.60 13.67
N GLY A 21 26.87 -14.62 12.97
CA GLY A 21 26.79 -13.23 13.40
C GLY A 21 28.10 -12.61 13.88
N ASN A 22 29.12 -13.44 14.08
CA ASN A 22 30.41 -12.95 14.53
C ASN A 22 31.14 -12.20 13.42
N LEU A 23 30.91 -10.90 13.33
CA LEU A 23 31.50 -10.08 12.28
C LEU A 23 32.76 -9.36 12.78
N GLU A 24 33.21 -9.74 13.96
CA GLU A 24 34.41 -9.13 14.56
C GLU A 24 35.62 -10.04 14.38
N ALA A 25 35.37 -11.25 13.90
CA ALA A 25 36.42 -12.25 13.75
C ALA A 25 37.38 -11.91 12.61
N GLU A 26 38.66 -12.16 12.84
CA GLU A 26 39.69 -11.92 11.84
C GLU A 26 39.55 -12.88 10.66
N VAL A 27 39.67 -12.33 9.45
CA VAL A 27 39.71 -13.15 8.24
C VAL A 27 41.14 -13.45 7.86
N PRO A 28 41.55 -14.73 7.98
CA PRO A 28 42.93 -15.15 7.71
C PRO A 28 43.22 -15.30 6.22
N HIS A 29 44.49 -15.55 5.90
CA HIS A 29 44.93 -15.84 4.54
C HIS A 29 44.63 -14.72 3.54
N GLN A 30 44.55 -13.49 4.03
CA GLN A 30 44.35 -12.33 3.16
C GLN A 30 45.66 -11.95 2.48
N ASN A 31 46.78 -12.28 3.12
CA ASN A 31 48.09 -11.89 2.63
C ASN A 31 48.72 -12.93 1.70
N ARG A 32 48.08 -13.15 0.55
CA ARG A 32 48.62 -14.03 -0.48
C ARG A 32 48.02 -13.71 -1.84
N ALA A 33 48.78 -13.97 -2.90
CA ALA A 33 48.40 -13.56 -4.24
C ALA A 33 47.72 -14.66 -5.05
N ASP A 34 47.33 -15.75 -4.38
CA ASP A 34 46.65 -16.84 -5.06
C ASP A 34 45.14 -16.77 -4.86
N GLU A 35 44.43 -17.79 -5.33
CA GLU A 35 42.97 -17.79 -5.31
C GLU A 35 42.41 -17.72 -3.89
N ILE A 36 43.11 -18.34 -2.94
CA ILE A 36 42.72 -18.31 -1.54
C ILE A 36 42.82 -16.88 -1.01
N GLY A 37 43.81 -16.14 -1.48
CA GLY A 37 43.97 -14.74 -1.11
C GLY A 37 42.82 -13.91 -1.63
N ILE A 38 42.43 -14.13 -2.88
CA ILE A 38 41.32 -13.43 -3.50
C ILE A 38 40.04 -13.68 -2.71
N LEU A 39 39.77 -14.96 -2.47
CA LEU A 39 38.59 -15.38 -1.71
C LEU A 39 38.57 -14.73 -0.34
N ALA A 40 39.71 -14.77 0.35
CA ALA A 40 39.84 -14.19 1.69
C ALA A 40 39.55 -12.69 1.69
N LYS A 41 40.09 -11.99 0.69
CA LYS A 41 39.85 -10.56 0.54
C LYS A 41 38.36 -10.28 0.35
N SER A 42 37.72 -11.09 -0.51
CA SER A 42 36.28 -10.98 -0.73
C SER A 42 35.51 -11.18 0.56
N ILE A 43 35.93 -12.17 1.35
CA ILE A 43 35.32 -12.44 2.64
C ILE A 43 35.45 -11.25 3.58
N GLU A 44 36.62 -10.61 3.58
CA GLU A 44 36.86 -9.45 4.42
C GLU A 44 35.97 -8.28 4.03
N ARG A 45 35.89 -8.02 2.73
CA ARG A 45 35.01 -6.97 2.22
C ARG A 45 33.57 -7.22 2.62
N LEU A 46 33.11 -8.46 2.44
CA LEU A 46 31.76 -8.83 2.84
C LEU A 46 31.55 -8.64 4.33
N ARG A 47 32.55 -8.99 5.13
CA ARG A 47 32.45 -8.85 6.58
C ARG A 47 32.27 -7.39 6.98
N ARG A 48 33.08 -6.52 6.39
CA ARG A 48 32.99 -5.08 6.65
C ARG A 48 31.63 -4.53 6.24
N SER A 49 31.20 -4.87 5.03
CA SER A 49 29.90 -4.45 4.51
C SER A 49 28.74 -4.89 5.40
N LEU A 50 28.76 -6.17 5.77
CA LEU A 50 27.74 -6.73 6.64
C LEU A 50 27.72 -6.08 8.02
N LYS A 51 28.91 -5.71 8.51
CA LYS A 51 29.00 -5.05 9.81
C LYS A 51 28.37 -3.66 9.73
N GLN A 52 28.73 -2.92 8.68
CA GLN A 52 28.17 -1.59 8.44
C GLN A 52 26.64 -1.65 8.32
N LEU A 53 26.16 -2.61 7.53
CA LEU A 53 24.71 -2.83 7.38
C LEU A 53 24.04 -3.19 8.70
N ALA A 54 24.71 -4.00 9.50
CA ALA A 54 24.19 -4.43 10.79
C ALA A 54 24.05 -3.24 11.73
N ASP A 55 25.02 -2.34 11.70
CA ASP A 55 24.98 -1.15 12.54
C ASP A 55 23.86 -0.19 12.13
N ASP A 56 23.66 -0.05 10.82
CA ASP A 56 22.68 0.91 10.29
C ASP A 56 21.31 0.29 10.02
N ARG A 57 21.06 -0.87 10.60
CA ARG A 57 19.79 -1.59 10.39
C ARG A 57 18.56 -0.79 10.84
N THR A 58 18.69 -0.13 11.98
CA THR A 58 17.60 0.65 12.56
C THR A 58 17.30 1.92 11.75
N LEU A 59 18.34 2.47 11.13
CA LEU A 59 18.31 3.78 10.48
C LEU A 59 17.12 4.07 9.58
N LEU A 60 16.67 3.07 8.82
CA LEU A 60 15.56 3.27 7.89
C LEU A 60 14.24 3.54 8.62
N MET A 61 13.87 2.62 9.51
CA MET A 61 12.64 2.76 10.29
C MET A 61 12.70 3.97 11.21
N ALA A 62 13.88 4.21 11.79
CA ALA A 62 14.09 5.39 12.63
C ALA A 62 13.87 6.67 11.82
N GLY A 63 14.33 6.64 10.57
CA GLY A 63 14.13 7.76 9.66
C GLY A 63 12.65 7.97 9.36
N VAL A 64 11.94 6.86 9.14
CA VAL A 64 10.50 6.91 8.92
C VAL A 64 9.80 7.55 10.11
N SER A 65 10.15 7.10 11.31
CA SER A 65 9.59 7.64 12.54
C SER A 65 9.88 9.13 12.67
N HIS A 66 11.10 9.52 12.29
CA HIS A 66 11.50 10.92 12.30
C HIS A 66 10.62 11.77 11.39
N ASP A 67 10.44 11.30 10.16
CA ASP A 67 9.60 12.02 9.20
C ASP A 67 8.12 12.02 9.61
N LEU A 68 7.71 11.03 10.37
CA LEU A 68 6.33 10.95 10.86
C LEU A 68 6.12 11.83 12.08
N ARG A 69 7.20 12.15 12.78
CA ARG A 69 7.13 12.89 14.03
C ARG A 69 6.48 14.27 13.89
N THR A 70 6.79 14.97 12.80
CA THR A 70 6.26 16.31 12.58
C THR A 70 4.75 16.37 12.24
N PRO A 71 4.29 15.62 11.22
CA PRO A 71 2.87 15.73 10.90
C PRO A 71 1.95 15.14 11.97
N LEU A 72 2.38 14.06 12.62
CA LEU A 72 1.57 13.45 13.67
C LEU A 72 1.46 14.34 14.90
N THR A 73 2.47 15.19 15.10
CA THR A 73 2.46 16.15 16.21
C THR A 73 1.51 17.30 15.89
N ARG A 74 1.52 17.73 14.62
CA ARG A 74 0.61 18.77 14.16
C ARG A 74 -0.84 18.31 14.27
N ILE A 75 -1.07 17.03 14.02
CA ILE A 75 -2.40 16.44 14.18
C ILE A 75 -2.78 16.42 15.67
N ARG A 76 -1.83 16.05 16.52
CA ARG A 76 -2.04 16.01 17.96
C ARG A 76 -2.43 17.40 18.48
N LEU A 77 -1.79 18.42 17.94
CA LEU A 77 -2.09 19.80 18.33
C LEU A 77 -3.44 20.26 17.80
N ALA A 78 -3.76 19.85 16.57
CA ALA A 78 -4.99 20.26 15.92
C ALA A 78 -6.23 19.71 16.65
N THR A 79 -6.07 18.56 17.29
CA THR A 79 -7.19 17.93 18.00
C THR A 79 -7.51 18.62 19.31
N GLU A 80 -6.60 19.46 19.79
CA GLU A 80 -6.79 20.15 21.06
C GLU A 80 -7.57 21.46 20.91
N MET A 81 -7.64 21.97 19.69
CA MET A 81 -8.42 23.17 19.42
C MET A 81 -9.73 22.81 18.71
N MET A 82 -10.14 21.55 18.84
CA MET A 82 -11.43 21.10 18.32
C MET A 82 -12.52 21.40 19.35
N SER A 83 -13.77 21.42 18.88
CA SER A 83 -14.90 21.70 19.76
C SER A 83 -15.13 20.60 20.78
N GLU A 84 -15.99 20.88 21.77
CA GLU A 84 -16.28 19.93 22.83
C GLU A 84 -17.17 18.80 22.34
N GLN A 85 -17.98 19.09 21.33
CA GLN A 85 -18.86 18.10 20.73
C GLN A 85 -18.06 17.01 20.02
N ASP A 86 -16.87 17.38 19.54
CA ASP A 86 -16.00 16.46 18.82
C ASP A 86 -14.89 15.90 19.71
N GLY A 87 -15.20 15.72 20.98
CA GLY A 87 -14.24 15.17 21.92
C GLY A 87 -13.88 13.73 21.62
N TYR A 88 -14.88 12.95 21.26
CA TYR A 88 -14.70 11.53 20.94
C TYR A 88 -13.81 11.36 19.71
N LEU A 89 -13.91 12.31 18.79
CA LEU A 89 -13.09 12.30 17.58
C LEU A 89 -11.62 12.54 17.93
N ALA A 90 -11.37 13.54 18.76
CA ALA A 90 -10.03 13.85 19.22
C ALA A 90 -9.42 12.67 19.98
N GLU A 91 -10.24 12.07 20.84
CA GLU A 91 -9.82 10.89 21.61
C GLU A 91 -9.44 9.74 20.68
N SER A 92 -10.28 9.50 19.68
CA SER A 92 -10.03 8.46 18.69
C SER A 92 -8.72 8.69 17.95
N ILE A 93 -8.55 9.89 17.43
CA ILE A 93 -7.33 10.26 16.71
C ILE A 93 -6.08 10.07 17.57
N ASN A 94 -6.15 10.53 18.82
CA ASN A 94 -5.05 10.37 19.75
C ASN A 94 -4.69 8.91 19.98
N LYS A 95 -5.71 8.08 20.16
CA LYS A 95 -5.49 6.64 20.32
C LYS A 95 -4.85 6.03 19.07
N ASP A 96 -5.27 6.50 17.91
CA ASP A 96 -4.68 6.04 16.65
C ASP A 96 -3.19 6.38 16.55
N ILE A 97 -2.85 7.61 16.93
CA ILE A 97 -1.45 8.05 16.94
C ILE A 97 -0.64 7.19 17.91
N GLU A 98 -1.24 6.92 19.08
CA GLU A 98 -0.61 6.04 20.06
C GLU A 98 -0.32 4.67 19.47
N GLU A 99 -1.28 4.15 18.71
CA GLU A 99 -1.10 2.87 18.03
C GLU A 99 0.06 2.92 17.05
N CYS A 100 0.12 3.99 16.25
CA CYS A 100 1.25 4.23 15.36
C CYS A 100 2.58 4.11 16.10
N ASN A 101 2.67 4.85 17.21
CA ASN A 101 3.87 4.83 18.04
C ASN A 101 4.23 3.42 18.53
N ALA A 102 3.23 2.70 19.03
CA ALA A 102 3.44 1.33 19.50
C ALA A 102 4.02 0.44 18.41
N ILE A 103 3.41 0.48 17.23
CA ILE A 103 3.86 -0.32 16.10
C ILE A 103 5.30 0.01 15.69
N ILE A 104 5.56 1.30 15.47
CA ILE A 104 6.89 1.74 15.05
C ILE A 104 7.95 1.34 16.07
N GLU A 105 7.70 1.65 17.33
CA GLU A 105 8.65 1.34 18.40
C GLU A 105 8.90 -0.15 18.51
N GLN A 106 7.85 -0.95 18.37
CA GLN A 106 8.01 -2.40 18.47
C GLN A 106 8.83 -2.96 17.32
N PHE A 107 8.54 -2.52 16.11
CA PHE A 107 9.30 -2.99 14.95
C PHE A 107 10.76 -2.59 15.03
N ILE A 108 11.02 -1.35 15.47
CA ILE A 108 12.39 -0.90 15.67
C ILE A 108 13.09 -1.74 16.74
N ASP A 109 12.35 -2.07 17.79
CA ASP A 109 12.85 -2.95 18.84
C ASP A 109 13.25 -4.31 18.27
N TYR A 110 12.48 -4.80 17.29
CA TYR A 110 12.84 -6.04 16.63
C TYR A 110 14.12 -5.88 15.83
N LEU A 111 14.19 -4.82 15.03
CA LEU A 111 15.36 -4.58 14.17
C LEU A 111 16.63 -4.37 15.00
N ARG A 112 16.46 -3.98 16.26
CA ARG A 112 17.59 -3.75 17.16
C ARG A 112 18.33 -5.04 17.52
N THR A 113 17.58 -6.14 17.59
CA THR A 113 18.16 -7.43 17.94
C THR A 113 19.16 -7.93 16.89
N GLY A 114 19.01 -7.45 15.67
CA GLY A 114 19.88 -7.85 14.58
C GLY A 114 21.29 -7.31 14.73
N GLN A 115 21.42 -6.16 15.38
CA GLN A 115 22.73 -5.53 15.57
C GLN A 115 23.61 -6.36 16.49
N GLU A 116 23.14 -6.54 17.73
CA GLU A 116 23.84 -7.36 18.73
C GLU A 116 25.29 -6.93 18.94
N ASP A 123 26.13 -9.66 35.11
CA ASP A 123 25.31 -10.06 36.24
C ASP A 123 23.83 -9.97 35.93
N LEU A 124 23.10 -11.05 36.18
CA LEU A 124 21.67 -11.10 35.90
C LEU A 124 20.87 -10.18 36.84
N ASN A 125 21.05 -10.39 38.14
CA ASN A 125 20.29 -9.65 39.15
C ASN A 125 20.49 -8.14 39.09
N ALA A 126 21.60 -7.71 38.49
CA ALA A 126 21.89 -6.30 38.34
C ALA A 126 20.91 -5.65 37.36
N VAL A 127 20.89 -6.14 36.12
CA VAL A 127 20.01 -5.60 35.10
C VAL A 127 18.54 -5.91 35.40
N LEU A 128 18.29 -7.10 35.94
CA LEU A 128 16.94 -7.47 36.37
C LEU A 128 16.46 -6.49 37.44
N GLY A 129 17.37 -6.09 38.32
CA GLY A 129 17.08 -5.08 39.32
C GLY A 129 16.85 -3.72 38.68
N GLU A 130 17.56 -3.46 37.58
CA GLU A 130 17.45 -2.20 36.87
C GLU A 130 16.08 -2.01 36.22
N VAL A 131 15.60 -3.04 35.52
CA VAL A 131 14.33 -2.96 34.81
C VAL A 131 13.14 -2.66 35.73
N ILE A 132 13.24 -3.11 36.99
CA ILE A 132 12.17 -2.94 37.97
C ILE A 132 11.73 -1.48 38.13
N ALA A 133 12.70 -0.59 38.32
CA ALA A 133 12.41 0.83 38.48
C ALA A 133 12.05 1.47 37.15
N GLU A 141 1.66 -3.95 40.04
CA GLU A 141 2.51 -4.33 41.17
C GLU A 141 3.52 -5.39 40.75
N ILE A 142 4.78 -5.18 41.13
CA ILE A 142 5.84 -6.11 40.78
C ILE A 142 6.38 -6.82 42.02
N GLU A 143 6.30 -8.14 42.02
CA GLU A 143 6.86 -8.95 43.10
C GLU A 143 8.18 -9.55 42.65
N THR A 144 9.21 -9.43 43.49
CA THR A 144 10.55 -9.84 43.10
C THR A 144 11.07 -11.01 43.93
N ALA A 145 11.57 -12.03 43.25
CA ALA A 145 12.20 -13.17 43.92
C ALA A 145 13.54 -13.48 43.27
N LEU A 146 14.52 -12.61 43.49
CA LEU A 146 15.83 -12.77 42.89
C LEU A 146 16.68 -13.76 43.69
N TYR A 147 17.77 -14.22 43.08
CA TYR A 147 18.66 -15.19 43.70
C TYR A 147 19.62 -14.52 44.67
N LYS A 154 28.79 -13.58 30.14
CA LYS A 154 28.70 -13.10 28.77
C LYS A 154 27.25 -12.80 28.39
N MET A 155 26.93 -11.52 28.28
CA MET A 155 25.58 -11.10 27.95
C MET A 155 25.56 -9.71 27.30
N HIS A 156 24.40 -9.34 26.77
CA HIS A 156 24.19 -8.00 26.24
C HIS A 156 23.10 -7.32 27.06
N PRO A 157 23.51 -6.47 28.02
CA PRO A 157 22.64 -5.82 29.00
C PRO A 157 21.42 -5.13 28.39
N LEU A 158 21.60 -4.39 27.30
CA LEU A 158 20.50 -3.69 26.65
C LEU A 158 19.49 -4.68 26.07
N SER A 159 20.00 -5.74 25.46
CA SER A 159 19.15 -6.78 24.86
C SER A 159 18.29 -7.46 25.92
N ILE A 160 18.93 -7.94 26.98
CA ILE A 160 18.23 -8.55 28.10
C ILE A 160 17.21 -7.58 28.69
N LYS A 161 17.61 -6.32 28.83
CA LYS A 161 16.72 -5.27 29.33
C LYS A 161 15.45 -5.18 28.49
N ARG A 162 15.61 -5.12 27.17
CA ARG A 162 14.49 -5.08 26.25
C ARG A 162 13.61 -6.32 26.37
N ALA A 163 14.25 -7.48 26.54
CA ALA A 163 13.55 -8.74 26.69
C ALA A 163 12.65 -8.73 27.93
N VAL A 164 13.23 -8.34 29.07
CA VAL A 164 12.47 -8.24 30.32
C VAL A 164 11.33 -7.25 30.16
N ALA A 165 11.62 -6.14 29.50
CA ALA A 165 10.60 -5.12 29.22
C ALA A 165 9.41 -5.72 28.48
N ASN A 166 9.69 -6.45 27.41
CA ASN A 166 8.64 -7.08 26.62
C ASN A 166 7.87 -8.16 27.38
N MET A 167 8.58 -8.94 28.19
CA MET A 167 7.96 -9.97 29.01
C MET A 167 6.97 -9.35 29.99
N VAL A 168 7.42 -8.29 30.67
CA VAL A 168 6.58 -7.55 31.61
C VAL A 168 5.39 -6.93 30.90
N VAL A 169 5.61 -6.38 29.72
CA VAL A 169 4.53 -5.80 28.92
C VAL A 169 3.46 -6.84 28.59
N ASN A 170 3.89 -8.01 28.16
CA ASN A 170 2.96 -9.10 27.88
C ASN A 170 2.21 -9.55 29.13
N ALA A 171 2.95 -9.72 30.22
CA ALA A 171 2.40 -10.16 31.49
C ALA A 171 1.40 -9.16 32.06
N ALA A 172 1.56 -7.88 31.71
CA ALA A 172 0.63 -6.85 32.14
C ALA A 172 -0.60 -6.78 31.22
N ARG A 173 -0.36 -6.99 29.92
CA ARG A 173 -1.42 -6.90 28.92
C ARG A 173 -2.44 -8.03 29.01
N TYR A 174 -1.97 -9.21 29.39
CA TYR A 174 -2.82 -10.41 29.44
C TYR A 174 -2.95 -10.98 30.86
N GLY A 175 -2.18 -10.41 31.77
CA GLY A 175 -2.20 -10.81 33.18
C GLY A 175 -3.23 -10.06 33.99
N ASN A 176 -3.93 -10.78 34.85
CA ASN A 176 -5.03 -10.22 35.64
C ASN A 176 -4.62 -9.14 36.63
N GLY A 177 -3.45 -9.29 37.24
CA GLY A 177 -2.98 -8.33 38.22
C GLY A 177 -1.48 -8.33 38.42
N TRP A 178 -1.02 -9.27 39.23
CA TRP A 178 0.37 -9.30 39.69
C TRP A 178 1.36 -9.71 38.60
N ILE A 179 2.62 -9.34 38.79
CA ILE A 179 3.71 -9.76 37.92
C ILE A 179 4.90 -10.13 38.79
N LYS A 180 5.30 -11.40 38.75
CA LYS A 180 6.38 -11.90 39.58
C LYS A 180 7.64 -12.19 38.77
N VAL A 181 8.68 -11.40 39.00
CA VAL A 181 9.95 -11.58 38.32
C VAL A 181 10.94 -12.29 39.26
N SER A 182 11.52 -13.39 38.78
CA SER A 182 12.39 -14.20 39.63
C SER A 182 13.66 -14.66 38.93
N SER A 183 14.71 -14.88 39.71
CA SER A 183 15.97 -15.41 39.21
C SER A 183 16.31 -16.74 39.90
N GLY A 184 17.52 -17.22 39.68
CA GLY A 184 17.96 -18.48 40.24
C GLY A 184 19.13 -19.08 39.48
N THR A 185 19.50 -20.31 39.81
CA THR A 185 20.56 -21.00 39.09
C THR A 185 20.40 -22.51 39.15
N GLU A 186 21.04 -23.22 38.22
CA GLU A 186 21.00 -24.67 38.19
C GLU A 186 22.31 -25.33 37.72
N PRO A 187 22.88 -24.88 36.58
CA PRO A 187 24.16 -25.47 36.19
C PRO A 187 25.27 -25.14 37.19
N ALA A 190 21.02 -19.89 33.23
CA ALA A 190 21.03 -19.05 34.42
C ALA A 190 19.62 -18.68 34.85
N TRP A 191 18.67 -18.81 33.92
CA TRP A 191 17.23 -18.72 34.17
C TRP A 191 16.69 -17.46 34.88
N PHE A 192 15.95 -16.66 34.11
CA PHE A 192 15.23 -15.49 34.62
C PHE A 192 13.81 -15.52 34.08
N GLN A 193 12.83 -15.30 34.96
CA GLN A 193 11.45 -15.63 34.63
C GLN A 193 10.42 -14.59 35.05
N VAL A 194 9.38 -14.45 34.23
CA VAL A 194 8.23 -13.60 34.53
C VAL A 194 6.97 -14.46 34.66
N GLU A 195 6.23 -14.25 35.75
CA GLU A 195 5.08 -15.10 36.08
C GLU A 195 3.82 -14.27 36.34
N ASP A 196 2.74 -14.58 35.64
CA ASP A 196 1.48 -13.85 35.78
C ASP A 196 0.32 -14.73 36.26
N ASP A 197 -0.85 -14.11 36.41
CA ASP A 197 -2.05 -14.82 36.84
C ASP A 197 -3.19 -14.65 35.84
N GLY A 198 -2.86 -14.65 34.55
CA GLY A 198 -3.87 -14.47 33.51
C GLY A 198 -4.43 -15.78 33.03
N PRO A 199 -5.58 -15.73 32.34
CA PRO A 199 -6.24 -16.92 31.77
C PRO A 199 -5.34 -17.64 30.77
N SER A 223 2.59 -8.23 13.92
CA SER A 223 1.44 -8.16 14.82
C SER A 223 1.72 -7.26 16.01
N GLY A 224 1.56 -7.80 17.22
CA GLY A 224 1.79 -7.04 18.44
C GLY A 224 2.48 -7.86 19.51
N THR A 225 1.70 -8.65 20.24
CA THR A 225 2.24 -9.47 21.33
C THR A 225 3.23 -10.51 20.82
N GLY A 226 2.87 -11.18 19.73
CA GLY A 226 3.72 -12.20 19.14
C GLY A 226 5.02 -11.62 18.61
N LEU A 227 4.98 -10.34 18.26
CA LEU A 227 6.17 -9.63 17.81
C LEU A 227 7.12 -9.45 18.99
N GLY A 228 6.55 -9.06 20.14
CA GLY A 228 7.33 -8.89 21.35
C GLY A 228 7.95 -10.20 21.79
N LEU A 229 7.15 -11.26 21.75
CA LEU A 229 7.64 -12.60 22.08
C LEU A 229 8.74 -13.03 21.12
N ALA A 230 8.61 -12.62 19.86
CA ALA A 230 9.63 -12.91 18.85
C ALA A 230 10.92 -12.16 19.14
N ILE A 231 10.78 -10.94 19.66
CA ILE A 231 11.94 -10.13 20.02
C ILE A 231 12.67 -10.77 21.19
N VAL A 232 11.91 -11.18 22.20
CA VAL A 232 12.47 -11.89 23.34
C VAL A 232 13.19 -13.16 22.90
N GLN A 233 12.52 -13.94 22.07
CA GLN A 233 13.07 -15.19 21.55
C GLN A 233 14.38 -14.94 20.80
N ARG A 234 14.41 -13.90 19.98
CA ARG A 234 15.60 -13.56 19.22
C ARG A 234 16.74 -13.15 20.14
N ILE A 235 16.40 -12.38 21.18
CA ILE A 235 17.38 -11.92 22.15
C ILE A 235 18.02 -13.08 22.92
N VAL A 236 17.19 -14.01 23.39
CA VAL A 236 17.72 -15.16 24.11
C VAL A 236 18.41 -16.16 23.18
N ASP A 237 18.05 -16.13 21.90
CA ASP A 237 18.73 -16.96 20.90
C ASP A 237 20.09 -16.39 20.54
N ASN A 238 20.24 -15.07 20.69
CA ASN A 238 21.52 -14.42 20.46
C ASN A 238 22.56 -14.86 21.48
N HIS A 239 22.09 -15.20 22.68
CA HIS A 239 22.98 -15.61 23.77
C HIS A 239 23.01 -17.12 23.91
N ASN A 240 22.62 -17.83 22.85
CA ASN A 240 22.58 -19.29 22.84
C ASN A 240 21.73 -19.86 23.97
N GLY A 241 20.59 -19.21 24.24
CA GLY A 241 19.72 -19.62 25.33
C GLY A 241 18.50 -20.38 24.88
N MET A 242 17.56 -20.56 25.81
CA MET A 242 16.34 -21.32 25.54
C MET A 242 15.13 -20.67 26.22
N LEU A 243 14.01 -20.64 25.52
CA LEU A 243 12.79 -20.06 26.07
C LEU A 243 11.84 -21.16 26.54
N GLU A 244 11.22 -20.95 27.69
CA GLU A 244 10.39 -21.97 28.33
C GLU A 244 9.05 -21.42 28.80
N LEU A 245 7.98 -21.91 28.22
CA LEU A 245 6.63 -21.54 28.64
C LEU A 245 6.06 -22.55 29.63
N GLY A 246 5.21 -22.09 30.53
CA GLY A 246 4.61 -22.95 31.53
C GLY A 246 3.64 -22.20 32.43
N LEU A 253 0.59 -18.66 33.49
CA LEU A 253 1.55 -18.48 32.41
C LEU A 253 2.92 -18.03 32.94
N SER A 254 3.92 -18.89 32.76
CA SER A 254 5.27 -18.58 33.22
C SER A 254 6.26 -18.59 32.06
N ILE A 255 7.00 -17.49 31.93
CA ILE A 255 8.01 -17.39 30.89
C ILE A 255 9.42 -17.34 31.47
N ARG A 256 10.16 -18.43 31.32
CA ARG A 256 11.51 -18.52 31.84
C ARG A 256 12.54 -18.55 30.70
N ALA A 257 13.64 -17.82 30.87
CA ALA A 257 14.68 -17.80 29.85
C ALA A 257 16.02 -18.24 30.43
N TRP A 258 16.64 -19.21 29.79
CA TRP A 258 17.90 -19.78 30.27
C TRP A 258 19.09 -19.14 29.57
N LEU A 259 20.22 -19.10 30.26
CA LEU A 259 21.45 -18.53 29.71
C LEU A 259 22.64 -19.46 29.92
N THR B 5 41.72 -26.47 -7.44
CA THR B 5 41.81 -25.12 -7.98
C THR B 5 40.50 -24.70 -8.64
N ARG B 6 40.04 -25.50 -9.59
CA ARG B 6 38.80 -25.22 -10.31
C ARG B 6 37.54 -25.13 -9.40
N PRO B 7 37.35 -26.10 -8.48
CA PRO B 7 36.21 -25.95 -7.58
C PRO B 7 36.33 -24.71 -6.70
N ILE B 8 37.56 -24.36 -6.33
CA ILE B 8 37.83 -23.15 -5.56
C ILE B 8 37.42 -21.92 -6.36
N ILE B 9 37.67 -21.96 -7.67
CA ILE B 9 37.28 -20.87 -8.56
C ILE B 9 35.76 -20.77 -8.67
N GLU B 10 35.10 -21.92 -8.79
CA GLU B 10 33.64 -21.96 -8.86
C GLU B 10 33.02 -21.38 -7.59
N LEU B 11 33.48 -21.84 -6.44
CA LEU B 11 33.00 -21.35 -5.16
C LEU B 11 33.32 -19.87 -4.98
N SER B 12 34.44 -19.44 -5.56
CA SER B 12 34.83 -18.03 -5.51
C SER B 12 33.86 -17.16 -6.29
N ASN B 13 33.53 -17.59 -7.51
CA ASN B 13 32.58 -16.85 -8.34
C ASN B 13 31.19 -16.82 -7.71
N THR B 14 30.77 -17.98 -7.20
CA THR B 14 29.49 -18.10 -6.52
C THR B 14 29.42 -17.15 -5.33
N PHE B 15 30.48 -17.15 -4.52
CA PHE B 15 30.54 -16.29 -3.35
C PHE B 15 30.59 -14.81 -3.75
N ASP B 16 31.22 -14.51 -4.88
CA ASP B 16 31.28 -13.16 -5.39
C ASP B 16 29.88 -12.67 -5.76
N LYS B 17 29.11 -13.54 -6.41
CA LYS B 17 27.73 -13.20 -6.76
C LYS B 17 26.81 -13.14 -5.55
N ILE B 18 27.12 -13.93 -4.52
CA ILE B 18 26.35 -13.88 -3.28
C ILE B 18 26.62 -12.58 -2.54
N ALA B 19 27.88 -12.18 -2.51
CA ALA B 19 28.31 -10.97 -1.81
C ALA B 19 27.71 -9.71 -2.43
N GLU B 20 27.40 -9.76 -3.72
CA GLU B 20 26.83 -8.61 -4.41
C GLU B 20 25.31 -8.58 -4.28
N GLY B 21 24.76 -9.52 -3.51
CA GLY B 21 23.35 -9.50 -3.16
C GLY B 21 22.53 -10.69 -3.61
N ASN B 22 23.06 -11.49 -4.53
CA ASN B 22 22.31 -12.63 -5.05
C ASN B 22 22.33 -13.82 -4.09
N LEU B 23 21.28 -13.93 -3.30
CA LEU B 23 21.20 -14.97 -2.27
C LEU B 23 20.39 -16.19 -2.73
N GLU B 24 20.04 -16.23 -4.01
CA GLU B 24 19.24 -17.33 -4.54
C GLU B 24 20.06 -18.28 -5.41
N ALA B 25 21.31 -17.89 -5.68
CA ALA B 25 22.19 -18.70 -6.50
C ALA B 25 22.58 -19.99 -5.79
N GLU B 26 22.53 -21.10 -6.52
CA GLU B 26 22.87 -22.40 -5.96
C GLU B 26 24.37 -22.52 -5.71
N VAL B 27 24.73 -23.05 -4.54
CA VAL B 27 26.12 -23.28 -4.21
C VAL B 27 26.53 -24.70 -4.60
N PRO B 28 27.51 -24.81 -5.52
CA PRO B 28 27.95 -26.11 -6.04
C PRO B 28 28.91 -26.82 -5.09
N HIS B 29 29.19 -28.08 -5.39
CA HIS B 29 30.19 -28.88 -4.69
C HIS B 29 29.93 -29.03 -3.19
N GLN B 30 28.66 -28.94 -2.80
CA GLN B 30 28.31 -29.09 -1.39
C GLN B 30 28.45 -30.54 -0.93
N ASN B 31 28.23 -31.45 -1.86
CA ASN B 31 28.27 -32.86 -1.57
C ASN B 31 29.61 -33.50 -1.98
N ARG B 32 30.72 -33.03 -1.41
CA ARG B 32 32.03 -33.61 -1.65
C ARG B 32 32.67 -34.08 -0.33
N ALA B 33 33.49 -35.12 -0.42
CA ALA B 33 34.09 -35.70 0.77
C ALA B 33 35.47 -35.12 1.07
N ASP B 34 35.80 -34.01 0.44
CA ASP B 34 37.06 -33.33 0.71
C ASP B 34 36.83 -31.97 1.39
N GLU B 35 37.88 -31.17 1.48
CA GLU B 35 37.82 -29.86 2.13
C GLU B 35 36.91 -28.90 1.36
N ILE B 36 36.82 -29.10 0.06
CA ILE B 36 35.96 -28.29 -0.80
C ILE B 36 34.50 -28.44 -0.36
N GLY B 37 34.14 -29.64 0.11
CA GLY B 37 32.82 -29.89 0.64
C GLY B 37 32.56 -29.10 1.90
N ILE B 38 33.57 -29.01 2.76
CA ILE B 38 33.49 -28.24 4.00
C ILE B 38 33.28 -26.76 3.69
N LEU B 39 34.11 -26.25 2.79
CA LEU B 39 34.02 -24.85 2.36
C LEU B 39 32.65 -24.54 1.77
N ALA B 40 32.21 -25.40 0.86
CA ALA B 40 30.91 -25.25 0.21
C ALA B 40 29.77 -25.26 1.23
N LYS B 41 29.87 -26.16 2.21
CA LYS B 41 28.89 -26.22 3.29
C LYS B 41 28.84 -24.90 4.05
N SER B 42 30.01 -24.36 4.37
CA SER B 42 30.11 -23.10 5.09
C SER B 42 29.47 -21.95 4.30
N ILE B 43 29.84 -21.84 3.02
CA ILE B 43 29.28 -20.82 2.15
C ILE B 43 27.76 -20.93 2.05
N GLU B 44 27.27 -22.17 1.95
CA GLU B 44 25.84 -22.42 1.90
C GLU B 44 25.16 -22.00 3.19
N ARG B 45 25.84 -22.21 4.31
CA ARG B 45 25.31 -21.80 5.61
C ARG B 45 25.17 -20.28 5.66
N LEU B 46 26.22 -19.59 5.21
CA LEU B 46 26.19 -18.13 5.14
C LEU B 46 25.04 -17.64 4.26
N ARG B 47 24.89 -18.26 3.09
CA ARG B 47 23.84 -17.88 2.15
C ARG B 47 22.45 -18.07 2.76
N ARG B 48 22.26 -19.19 3.45
CA ARG B 48 21.00 -19.46 4.12
C ARG B 48 20.72 -18.42 5.19
N SER B 49 21.74 -18.05 5.96
CA SER B 49 21.60 -17.03 6.99
C SER B 49 21.14 -15.71 6.40
N LEU B 50 21.91 -15.22 5.42
CA LEU B 50 21.61 -13.94 4.78
C LEU B 50 20.21 -13.93 4.14
N LYS B 51 19.86 -15.02 3.47
CA LYS B 51 18.57 -15.14 2.81
C LYS B 51 17.41 -15.12 3.82
N GLN B 52 17.56 -15.89 4.89
CA GLN B 52 16.56 -15.93 5.95
C GLN B 52 16.33 -14.54 6.52
N LEU B 53 17.43 -13.90 6.92
CA LEU B 53 17.35 -12.56 7.48
C LEU B 53 16.70 -11.56 6.53
N ALA B 54 17.09 -11.61 5.25
CA ALA B 54 16.55 -10.70 4.24
C ALA B 54 15.05 -10.90 4.05
N ASP B 55 14.64 -12.16 3.88
CA ASP B 55 13.23 -12.49 3.67
C ASP B 55 12.39 -12.06 4.86
N ASP B 56 12.92 -12.27 6.07
CA ASP B 56 12.21 -11.84 7.26
C ASP B 56 12.10 -10.32 7.30
N ARG B 57 13.15 -9.64 6.84
CA ARG B 57 13.12 -8.19 6.75
C ARG B 57 12.02 -7.70 5.81
N THR B 58 11.93 -8.31 4.64
CA THR B 58 10.93 -7.92 3.65
C THR B 58 9.51 -8.17 4.16
N LEU B 59 9.29 -9.38 4.66
CA LEU B 59 7.98 -9.77 5.17
C LEU B 59 7.52 -8.83 6.29
N LEU B 60 8.38 -8.67 7.29
CA LEU B 60 8.06 -7.83 8.44
C LEU B 60 7.88 -6.37 8.05
N MET B 61 8.68 -5.91 7.08
CA MET B 61 8.56 -4.53 6.61
C MET B 61 7.21 -4.30 5.94
N ALA B 62 6.79 -5.24 5.11
CA ALA B 62 5.48 -5.14 4.47
C ALA B 62 4.36 -5.14 5.49
N GLY B 63 4.40 -6.12 6.40
CA GLY B 63 3.39 -6.22 7.44
C GLY B 63 3.28 -4.99 8.32
N VAL B 64 4.42 -4.46 8.74
CA VAL B 64 4.46 -3.28 9.58
C VAL B 64 4.01 -2.02 8.83
N SER B 65 4.39 -1.91 7.56
CA SER B 65 3.94 -0.80 6.73
C SER B 65 2.41 -0.79 6.62
N HIS B 66 1.84 -1.97 6.39
CA HIS B 66 0.39 -2.10 6.34
C HIS B 66 -0.23 -1.72 7.70
N ASP B 67 0.32 -2.28 8.76
CA ASP B 67 -0.17 -2.03 10.11
C ASP B 67 -0.09 -0.57 10.52
N LEU B 68 0.84 0.17 9.91
CA LEU B 68 0.96 1.60 10.14
C LEU B 68 -0.02 2.36 9.26
N ARG B 69 -0.29 1.81 8.08
CA ARG B 69 -1.25 2.42 7.18
C ARG B 69 -2.67 2.30 7.73
N THR B 70 -2.89 1.34 8.62
CA THR B 70 -4.23 1.16 9.22
C THR B 70 -4.75 2.32 10.08
N PRO B 71 -4.01 2.71 11.16
CA PRO B 71 -4.57 3.77 12.00
C PRO B 71 -4.53 5.13 11.33
N LEU B 72 -3.64 5.31 10.35
CA LEU B 72 -3.61 6.53 9.57
C LEU B 72 -4.87 6.65 8.72
N THR B 73 -5.40 5.51 8.29
CA THR B 73 -6.63 5.47 7.51
C THR B 73 -7.83 5.83 8.38
N ARG B 74 -7.81 5.37 9.64
CA ARG B 74 -8.89 5.66 10.57
C ARG B 74 -8.99 7.15 10.91
N ILE B 75 -7.85 7.83 10.98
CA ILE B 75 -7.83 9.26 11.27
C ILE B 75 -8.41 10.05 10.10
N ARG B 76 -8.08 9.63 8.88
CA ARG B 76 -8.63 10.25 7.69
C ARG B 76 -10.15 10.10 7.63
N LEU B 77 -10.63 8.96 8.13
CA LEU B 77 -12.06 8.72 8.25
C LEU B 77 -12.66 9.59 9.35
N ALA B 78 -11.88 9.79 10.40
CA ALA B 78 -12.34 10.56 11.55
C ALA B 78 -12.56 12.04 11.21
N THR B 79 -11.82 12.54 10.23
CA THR B 79 -11.94 13.94 9.82
C THR B 79 -13.16 14.17 8.94
N GLU B 80 -13.81 13.08 8.52
CA GLU B 80 -15.00 13.19 7.68
C GLU B 80 -16.27 13.29 8.53
N MET B 81 -16.10 13.19 9.85
CA MET B 81 -17.23 13.29 10.76
C MET B 81 -17.10 14.51 11.66
N MET B 82 -16.20 15.42 11.30
CA MET B 82 -15.99 16.64 12.07
C MET B 82 -17.00 17.70 11.67
N SER B 83 -17.27 18.64 12.58
CA SER B 83 -18.25 19.69 12.34
C SER B 83 -17.82 20.64 11.22
N GLU B 84 -18.72 21.51 10.81
CA GLU B 84 -18.42 22.49 9.76
C GLU B 84 -17.50 23.59 10.29
N GLN B 85 -17.57 23.82 11.60
CA GLN B 85 -16.71 24.80 12.25
C GLN B 85 -15.25 24.37 12.18
N ASP B 86 -15.03 23.06 12.22
CA ASP B 86 -13.68 22.51 12.27
C ASP B 86 -13.18 22.08 10.89
N GLY B 87 -13.62 22.80 9.86
CA GLY B 87 -13.24 22.49 8.49
C GLY B 87 -11.76 22.65 8.23
N TYR B 88 -11.19 23.74 8.73
CA TYR B 88 -9.78 24.03 8.55
C TYR B 88 -8.91 23.00 9.29
N LEU B 89 -9.40 22.55 10.45
CA LEU B 89 -8.74 21.50 11.20
C LEU B 89 -8.69 20.22 10.37
N ALA B 90 -9.85 19.82 9.86
CA ALA B 90 -9.95 18.62 9.04
C ALA B 90 -9.04 18.71 7.82
N GLU B 91 -8.97 19.89 7.21
CA GLU B 91 -8.10 20.12 6.07
C GLU B 91 -6.65 19.89 6.44
N SER B 92 -6.21 20.53 7.53
CA SER B 92 -4.84 20.39 8.02
C SER B 92 -4.49 18.94 8.30
N ILE B 93 -5.32 18.28 9.11
CA ILE B 93 -5.10 16.88 9.47
C ILE B 93 -5.04 15.98 8.25
N ASN B 94 -5.93 16.22 7.29
CA ASN B 94 -5.91 15.47 6.04
C ASN B 94 -4.61 15.68 5.28
N LYS B 95 -4.12 16.92 5.25
CA LYS B 95 -2.84 17.22 4.60
C LYS B 95 -1.69 16.48 5.27
N ASP B 96 -1.67 16.49 6.61
CA ASP B 96 -0.64 15.80 7.37
C ASP B 96 -0.67 14.30 7.09
N ILE B 97 -1.86 13.73 7.03
CA ILE B 97 -2.02 12.32 6.70
C ILE B 97 -1.52 12.03 5.29
N GLU B 98 -1.78 12.94 4.36
CA GLU B 98 -1.22 12.84 3.02
C GLU B 98 0.30 12.78 3.07
N GLU B 99 0.90 13.62 3.90
CA GLU B 99 2.35 13.62 4.07
C GLU B 99 2.86 12.28 4.63
N CYS B 100 2.19 11.78 5.67
CA CYS B 100 2.51 10.49 6.26
C CYS B 100 2.48 9.36 5.22
N ASN B 101 1.37 9.29 4.49
CA ASN B 101 1.21 8.32 3.41
C ASN B 101 2.30 8.45 2.36
N ALA B 102 2.70 9.68 2.07
CA ALA B 102 3.81 9.92 1.16
C ALA B 102 5.10 9.30 1.68
N ILE B 103 5.36 9.50 2.97
CA ILE B 103 6.54 8.95 3.62
C ILE B 103 6.57 7.42 3.54
N ILE B 104 5.47 6.80 3.99
CA ILE B 104 5.35 5.35 3.96
C ILE B 104 5.48 4.81 2.53
N GLU B 105 4.88 5.52 1.58
CA GLU B 105 4.98 5.16 0.18
C GLU B 105 6.42 5.22 -0.32
N GLN B 106 7.18 6.19 0.17
CA GLN B 106 8.60 6.29 -0.17
C GLN B 106 9.37 5.10 0.37
N PHE B 107 9.10 4.76 1.64
CA PHE B 107 9.71 3.62 2.31
C PHE B 107 9.47 2.32 1.53
N ILE B 108 8.21 2.07 1.23
CA ILE B 108 7.81 0.87 0.49
C ILE B 108 8.41 0.85 -0.91
N ASP B 109 8.35 2.00 -1.60
CA ASP B 109 8.91 2.11 -2.94
C ASP B 109 10.39 1.80 -2.96
N TYR B 110 11.11 2.19 -1.91
CA TYR B 110 12.52 1.82 -1.83
C TYR B 110 12.70 0.33 -1.56
N LEU B 111 12.02 -0.19 -0.55
CA LEU B 111 12.19 -1.60 -0.20
C LEU B 111 11.68 -2.58 -1.26
N ARG B 112 10.93 -2.05 -2.22
CA ARG B 112 10.42 -2.86 -3.32
C ARG B 112 11.58 -3.10 -4.29
N THR B 113 12.24 -2.02 -4.67
CA THR B 113 13.43 -2.07 -5.50
C THR B 113 14.60 -2.59 -4.69
N GLY B 114 14.95 -3.86 -4.88
CA GLY B 114 16.02 -4.47 -4.12
C GLY B 114 17.37 -3.81 -4.36
N PRO B 118 22.44 -7.51 -10.32
CA PRO B 118 23.13 -7.28 -11.60
C PRO B 118 24.11 -6.11 -11.51
N MET B 119 25.04 -6.15 -10.56
CA MET B 119 26.03 -5.07 -10.42
C MET B 119 26.82 -4.83 -11.71
N GLU B 120 26.69 -3.63 -12.26
CA GLU B 120 27.34 -3.30 -13.52
C GLU B 120 28.56 -2.42 -13.33
N MET B 121 29.17 -2.02 -14.44
CA MET B 121 30.34 -1.16 -14.43
C MET B 121 30.03 0.15 -15.13
N ALA B 122 29.55 1.13 -14.38
CA ALA B 122 29.11 2.38 -14.99
C ALA B 122 30.00 3.56 -14.61
N ASP B 123 29.93 4.62 -15.42
CA ASP B 123 30.73 5.81 -15.17
C ASP B 123 30.03 6.72 -14.17
N LEU B 124 30.76 7.19 -13.18
CA LEU B 124 30.20 8.05 -12.14
C LEU B 124 29.68 9.37 -12.69
N ASN B 125 30.53 10.07 -13.46
CA ASN B 125 30.16 11.36 -14.02
C ASN B 125 28.94 11.27 -14.93
N ALA B 126 28.72 10.08 -15.50
CA ALA B 126 27.58 9.85 -16.38
C ALA B 126 26.27 9.90 -15.61
N VAL B 127 26.15 9.05 -14.59
CA VAL B 127 24.93 9.00 -13.79
C VAL B 127 24.75 10.26 -12.96
N LEU B 128 25.85 10.83 -12.48
CA LEU B 128 25.80 12.10 -11.76
C LEU B 128 25.23 13.18 -12.67
N GLY B 129 25.75 13.24 -13.89
CA GLY B 129 25.25 14.19 -14.88
C GLY B 129 23.79 13.96 -15.21
N GLU B 130 23.39 12.69 -15.22
CA GLU B 130 22.00 12.32 -15.46
C GLU B 130 21.07 12.85 -14.38
N VAL B 131 21.44 12.62 -13.11
CA VAL B 131 20.65 13.12 -11.98
C VAL B 131 20.64 14.65 -11.96
N ILE B 132 21.76 15.26 -12.33
CA ILE B 132 21.86 16.71 -12.42
C ILE B 132 20.85 17.26 -13.41
N ALA B 133 20.72 16.60 -14.55
CA ALA B 133 19.79 17.01 -15.60
C ALA B 133 18.34 16.68 -15.25
N ALA B 134 17.94 17.01 -14.03
CA ALA B 134 16.56 16.78 -13.58
C ALA B 134 16.05 17.97 -12.78
N GLU B 135 16.95 18.61 -12.04
CA GLU B 135 16.60 19.76 -11.21
C GLU B 135 17.69 20.82 -11.26
N GLU B 141 19.47 26.63 -8.07
CA GLU B 141 20.66 26.68 -8.90
C GLU B 141 21.69 25.63 -8.46
N ILE B 142 22.19 24.88 -9.43
CA ILE B 142 23.18 23.83 -9.14
C ILE B 142 24.55 24.20 -9.71
N GLU B 143 25.56 24.22 -8.84
CA GLU B 143 26.93 24.47 -9.28
C GLU B 143 27.71 23.17 -9.31
N THR B 144 28.44 22.96 -10.41
CA THR B 144 29.14 21.69 -10.62
C THR B 144 30.66 21.87 -10.64
N ALA B 145 31.34 21.03 -9.88
CA ALA B 145 32.80 21.02 -9.86
C ALA B 145 33.29 19.59 -10.05
N LEU B 146 33.08 19.05 -11.26
CA LEU B 146 33.43 17.68 -11.57
C LEU B 146 34.93 17.53 -11.82
N TYR B 147 35.39 16.28 -11.85
CA TYR B 147 36.81 15.99 -12.07
C TYR B 147 37.11 15.80 -13.55
N ILE B 151 35.41 8.72 -14.40
CA ILE B 151 35.46 7.79 -13.28
C ILE B 151 34.44 6.66 -13.44
N GLU B 152 34.92 5.43 -13.51
CA GLU B 152 34.03 4.28 -13.67
C GLU B 152 34.14 3.36 -12.47
N VAL B 153 33.01 2.83 -12.02
CA VAL B 153 32.97 1.96 -10.85
C VAL B 153 31.97 0.83 -11.01
N LYS B 154 32.14 -0.20 -10.19
CA LYS B 154 31.17 -1.27 -10.06
C LYS B 154 30.07 -0.81 -9.11
N MET B 155 28.82 -0.82 -9.60
CA MET B 155 27.72 -0.29 -8.82
C MET B 155 26.37 -0.67 -9.40
N HIS B 156 25.33 -0.01 -8.90
CA HIS B 156 23.98 -0.21 -9.41
C HIS B 156 23.41 1.17 -9.71
N PRO B 157 23.32 1.52 -11.01
CA PRO B 157 22.96 2.86 -11.50
C PRO B 157 21.71 3.47 -10.85
N LEU B 158 20.64 2.68 -10.74
CA LEU B 158 19.38 3.17 -10.20
C LEU B 158 19.53 3.57 -8.74
N SER B 159 20.25 2.74 -7.98
CA SER B 159 20.47 2.98 -6.56
C SER B 159 21.23 4.29 -6.34
N ILE B 160 22.36 4.43 -7.02
CA ILE B 160 23.16 5.64 -6.93
C ILE B 160 22.34 6.86 -7.35
N LYS B 161 21.57 6.70 -8.42
CA LYS B 161 20.66 7.75 -8.88
C LYS B 161 19.74 8.21 -7.75
N ARG B 162 19.13 7.25 -7.06
CA ARG B 162 18.27 7.56 -5.92
C ARG B 162 19.01 8.25 -4.80
N ALA B 163 20.25 7.82 -4.56
CA ALA B 163 21.08 8.42 -3.52
C ALA B 163 21.31 9.90 -3.80
N VAL B 164 21.83 10.19 -4.99
CA VAL B 164 22.10 11.56 -5.41
C VAL B 164 20.82 12.38 -5.39
N ALA B 165 19.73 11.79 -5.87
CA ALA B 165 18.43 12.45 -5.88
C ALA B 165 18.00 12.88 -4.48
N ASN B 166 18.06 11.94 -3.53
CA ASN B 166 17.66 12.22 -2.15
C ASN B 166 18.57 13.25 -1.49
N MET B 167 19.86 13.19 -1.79
CA MET B 167 20.81 14.16 -1.26
C MET B 167 20.53 15.57 -1.77
N VAL B 168 20.27 15.68 -3.08
CA VAL B 168 19.92 16.96 -3.68
C VAL B 168 18.60 17.51 -3.11
N VAL B 169 17.60 16.64 -3.02
CA VAL B 169 16.29 17.02 -2.47
C VAL B 169 16.42 17.52 -1.03
N ASN B 170 17.19 16.79 -0.22
CA ASN B 170 17.44 17.19 1.16
C ASN B 170 18.17 18.52 1.24
N ALA B 171 19.16 18.69 0.37
CA ALA B 171 19.95 19.92 0.31
C ALA B 171 19.09 21.11 -0.11
N ALA B 172 18.07 20.85 -0.91
CA ALA B 172 17.14 21.90 -1.33
C ALA B 172 16.16 22.22 -0.21
N ARG B 173 15.74 21.19 0.50
CA ARG B 173 14.78 21.33 1.59
C ARG B 173 15.38 22.04 2.80
N TYR B 174 16.69 21.90 2.99
CA TYR B 174 17.34 22.46 4.18
C TYR B 174 18.41 23.51 3.88
N GLY B 175 18.83 23.59 2.62
CA GLY B 175 19.82 24.57 2.23
C GLY B 175 19.21 25.74 1.46
N ASN B 176 19.16 26.90 2.12
CA ASN B 176 18.57 28.09 1.53
C ASN B 176 19.39 28.69 0.40
N GLY B 177 19.25 28.14 -0.80
CA GLY B 177 19.92 28.70 -1.97
C GLY B 177 20.67 27.70 -2.83
N TRP B 178 21.99 27.68 -2.69
CA TRP B 178 22.84 26.91 -3.58
C TRP B 178 22.96 25.43 -3.22
N ILE B 179 23.27 24.62 -4.22
CA ILE B 179 23.57 23.21 -4.03
C ILE B 179 24.75 22.85 -4.91
N LYS B 180 25.87 22.46 -4.30
CA LYS B 180 27.08 22.17 -5.05
C LYS B 180 27.36 20.67 -5.14
N VAL B 181 27.33 20.15 -6.35
CA VAL B 181 27.64 18.74 -6.57
C VAL B 181 29.04 18.63 -7.15
N SER B 182 29.88 17.81 -6.51
CA SER B 182 31.25 17.67 -6.95
C SER B 182 31.67 16.21 -6.95
N SER B 183 32.65 15.88 -7.79
CA SER B 183 33.17 14.52 -7.81
C SER B 183 34.65 14.54 -7.43
N GLY B 184 35.29 13.39 -7.48
CA GLY B 184 36.71 13.32 -7.20
C GLY B 184 37.26 11.94 -6.90
N THR B 185 38.56 11.90 -6.64
CA THR B 185 39.27 10.63 -6.47
C THR B 185 40.29 10.63 -5.34
N GLU B 186 40.60 9.42 -4.89
CA GLU B 186 41.59 9.16 -3.87
C GLU B 186 42.26 7.91 -4.47
N PRO B 187 43.40 7.46 -3.93
CA PRO B 187 44.08 6.30 -4.53
C PRO B 187 43.19 5.09 -4.86
N ASN B 188 42.18 4.82 -4.04
CA ASN B 188 41.26 3.72 -4.34
C ASN B 188 39.84 3.92 -3.81
N ARG B 189 39.33 5.14 -3.91
CA ARG B 189 38.03 5.48 -3.36
C ARG B 189 37.39 6.68 -4.04
N ALA B 190 36.65 6.42 -5.12
CA ALA B 190 35.88 7.47 -5.81
C ALA B 190 34.96 8.20 -4.83
N TRP B 191 34.69 9.49 -5.07
CA TRP B 191 33.78 10.21 -4.18
C TRP B 191 32.91 11.27 -4.86
N PHE B 192 31.61 11.23 -4.59
CA PHE B 192 30.71 12.30 -5.01
C PHE B 192 30.08 12.99 -3.79
N GLN B 193 30.06 14.32 -3.80
CA GLN B 193 29.61 15.07 -2.64
C GLN B 193 28.59 16.16 -2.98
N VAL B 194 27.58 16.31 -2.13
CA VAL B 194 26.57 17.35 -2.26
C VAL B 194 26.69 18.34 -1.09
N GLU B 195 26.69 19.62 -1.41
CA GLU B 195 26.89 20.68 -0.43
C GLU B 195 25.74 21.69 -0.45
N ASP B 196 25.39 22.20 0.73
CA ASP B 196 24.40 23.28 0.83
C ASP B 196 24.90 24.41 1.73
N ASP B 197 24.05 25.42 1.93
CA ASP B 197 24.39 26.55 2.80
C ASP B 197 23.43 26.69 3.97
N GLY B 198 22.85 25.59 4.41
CA GLY B 198 21.89 25.60 5.50
C GLY B 198 22.50 25.18 6.83
N PRO B 199 21.76 25.40 7.93
CA PRO B 199 22.20 25.01 9.27
C PRO B 199 22.40 23.50 9.38
N GLY B 200 23.56 23.08 9.86
CA GLY B 200 23.84 21.66 10.03
C GLY B 200 23.18 21.09 11.28
N ILE B 201 23.49 19.84 11.59
CA ILE B 201 22.93 19.19 12.77
C ILE B 201 23.86 19.34 13.97
N ALA B 202 23.63 20.40 14.75
CA ALA B 202 24.37 20.66 15.99
C ALA B 202 25.86 20.95 15.82
N PRO B 203 26.36 21.97 16.51
CA PRO B 203 27.79 22.26 16.51
C PRO B 203 28.56 21.14 17.21
N GLU B 204 29.40 20.44 16.46
CA GLU B 204 30.17 19.29 16.96
C GLU B 204 29.27 18.13 17.35
N GLN B 205 29.32 17.06 16.55
CA GLN B 205 28.54 15.84 16.81
C GLN B 205 27.05 16.12 16.96
N THR B 225 17.84 12.58 11.34
CA THR B 225 17.90 12.34 9.90
C THR B 225 16.62 11.68 9.39
N GLY B 226 16.10 12.19 8.28
CA GLY B 226 14.85 11.71 7.72
C GLY B 226 14.99 10.42 6.94
N LEU B 227 13.96 10.11 6.15
CA LEU B 227 13.92 8.88 5.37
C LEU B 227 14.94 8.92 4.23
N GLY B 228 15.01 10.04 3.53
CA GLY B 228 15.90 10.19 2.38
C GLY B 228 17.36 9.90 2.68
N LEU B 229 17.87 10.49 3.75
CA LEU B 229 19.26 10.28 4.15
C LEU B 229 19.51 8.84 4.59
N ALA B 230 18.51 8.22 5.18
CA ALA B 230 18.60 6.83 5.58
C ALA B 230 18.69 5.93 4.35
N ILE B 231 17.93 6.29 3.32
CA ILE B 231 17.94 5.58 2.06
C ILE B 231 19.30 5.73 1.40
N VAL B 232 19.85 6.94 1.42
CA VAL B 232 21.19 7.20 0.91
C VAL B 232 22.21 6.34 1.62
N GLN B 233 22.11 6.30 2.95
CA GLN B 233 22.99 5.50 3.79
C GLN B 233 22.93 4.03 3.41
N ARG B 234 21.71 3.51 3.26
CA ARG B 234 21.53 2.10 2.91
C ARG B 234 22.08 1.79 1.52
N ILE B 235 21.90 2.72 0.59
CA ILE B 235 22.39 2.54 -0.77
C ILE B 235 23.91 2.52 -0.82
N VAL B 236 24.55 3.48 -0.14
CA VAL B 236 26.01 3.51 -0.13
C VAL B 236 26.59 2.37 0.68
N ASP B 237 25.81 1.83 1.63
CA ASP B 237 26.24 0.66 2.39
C ASP B 237 26.10 -0.62 1.58
N ASN B 238 25.15 -0.63 0.65
CA ASN B 238 24.96 -1.77 -0.24
C ASN B 238 26.12 -1.94 -1.21
N HIS B 239 26.77 -0.84 -1.56
CA HIS B 239 27.89 -0.87 -2.48
C HIS B 239 29.22 -0.87 -1.73
N ASN B 240 29.17 -1.29 -0.46
CA ASN B 240 30.35 -1.35 0.40
C ASN B 240 31.10 -0.01 0.48
N GLY B 241 30.34 1.07 0.56
CA GLY B 241 30.93 2.40 0.58
C GLY B 241 30.84 3.06 1.94
N MET B 242 31.07 4.37 1.97
CA MET B 242 31.06 5.12 3.22
C MET B 242 30.39 6.48 3.05
N LEU B 243 29.53 6.83 3.99
CA LEU B 243 28.85 8.12 3.96
C LEU B 243 29.48 9.02 5.02
N GLU B 244 29.78 10.26 4.63
CA GLU B 244 30.51 11.18 5.49
C GLU B 244 29.89 12.57 5.52
N LEU B 245 29.41 12.97 6.69
CA LEU B 245 28.82 14.29 6.86
C LEU B 245 29.86 15.29 7.36
N GLY B 246 29.66 16.55 7.03
CA GLY B 246 30.58 17.61 7.44
C GLY B 246 30.12 18.98 7.02
N LEU B 253 26.61 22.25 5.63
CA LEU B 253 26.35 20.82 5.66
C LEU B 253 26.84 20.23 4.35
N SER B 254 27.71 19.21 4.43
CA SER B 254 28.27 18.59 3.24
C SER B 254 28.26 17.07 3.36
N ILE B 255 27.50 16.42 2.47
CA ILE B 255 27.43 14.96 2.48
C ILE B 255 28.25 14.35 1.34
N ARG B 256 29.27 13.57 1.69
CA ARG B 256 30.13 12.94 0.70
C ARG B 256 29.99 11.43 0.73
N ALA B 257 29.93 10.82 -0.46
CA ALA B 257 29.78 9.38 -0.58
C ALA B 257 30.97 8.77 -1.33
N TRP B 258 31.59 7.79 -0.68
CA TRP B 258 32.75 7.08 -1.22
C TRP B 258 32.35 5.74 -1.81
N LEU B 259 33.03 5.34 -2.88
CA LEU B 259 32.79 4.04 -3.51
C LEU B 259 34.11 3.40 -3.93
N PRO B 260 34.20 2.06 -3.80
CA PRO B 260 35.38 1.30 -4.20
C PRO B 260 35.52 1.27 -5.72
N VAL B 261 36.74 1.11 -6.22
CA VAL B 261 36.99 1.13 -7.65
C VAL B 261 37.59 -0.16 -8.22
N PRO B 262 38.79 -0.55 -7.77
CA PRO B 262 39.40 -1.71 -8.44
C PRO B 262 38.82 -3.03 -7.94
N ILE C 4 -33.67 35.70 -23.63
CA ILE C 4 -33.09 34.39 -23.41
C ILE C 4 -33.03 34.04 -21.92
N THR C 5 -33.91 34.66 -21.14
CA THR C 5 -33.99 34.41 -19.71
C THR C 5 -34.60 33.04 -19.43
N ARG C 6 -35.76 32.80 -20.03
CA ARG C 6 -36.47 31.52 -19.88
C ARG C 6 -35.64 30.28 -20.23
N PRO C 7 -34.92 30.29 -21.37
CA PRO C 7 -34.05 29.13 -21.65
C PRO C 7 -32.98 28.92 -20.59
N ILE C 8 -32.42 30.00 -20.06
CA ILE C 8 -31.42 29.92 -19.00
C ILE C 8 -32.03 29.29 -17.74
N ILE C 9 -33.24 29.71 -17.41
CA ILE C 9 -33.95 29.16 -16.26
C ILE C 9 -34.24 27.67 -16.43
N GLU C 10 -34.65 27.28 -17.63
CA GLU C 10 -34.91 25.88 -17.94
C GLU C 10 -33.64 25.04 -17.86
N LEU C 11 -32.54 25.59 -18.35
CA LEU C 11 -31.24 24.93 -18.23
C LEU C 11 -30.84 24.78 -16.77
N SER C 12 -31.21 25.77 -15.96
CA SER C 12 -30.98 25.70 -14.52
C SER C 12 -31.77 24.53 -13.94
N ASN C 13 -33.01 24.37 -14.40
CA ASN C 13 -33.82 23.23 -14.01
C ASN C 13 -33.18 21.90 -14.42
N THR C 14 -32.57 21.89 -15.60
CA THR C 14 -31.88 20.71 -16.11
C THR C 14 -30.72 20.33 -15.20
N PHE C 15 -29.91 21.33 -14.85
CA PHE C 15 -28.80 21.13 -13.94
C PHE C 15 -29.29 20.63 -12.58
N ASP C 16 -30.43 21.17 -12.14
CA ASP C 16 -31.03 20.75 -10.88
C ASP C 16 -31.42 19.27 -10.91
N LYS C 17 -32.03 18.86 -12.01
CA LYS C 17 -32.46 17.47 -12.17
C LYS C 17 -31.27 16.51 -12.25
N ILE C 18 -30.24 16.92 -13.00
CA ILE C 18 -29.04 16.10 -13.15
C ILE C 18 -28.29 15.97 -11.82
N ALA C 19 -28.24 17.06 -11.07
CA ALA C 19 -27.53 17.08 -9.79
C ALA C 19 -28.17 16.15 -8.76
N GLU C 20 -29.46 15.88 -8.92
CA GLU C 20 -30.18 15.03 -7.98
C GLU C 20 -30.18 13.56 -8.40
N GLY C 21 -29.55 13.27 -9.54
CA GLY C 21 -29.39 11.89 -9.98
C GLY C 21 -30.26 11.53 -11.18
N ASN C 22 -31.20 12.41 -11.51
CA ASN C 22 -32.08 12.17 -12.65
C ASN C 22 -31.36 12.34 -13.97
N LEU C 23 -30.79 11.25 -14.47
CA LEU C 23 -30.03 11.27 -15.71
C LEU C 23 -30.90 10.83 -16.88
N GLU C 24 -32.20 10.73 -16.62
CA GLU C 24 -33.16 10.32 -17.63
C GLU C 24 -33.87 11.53 -18.22
N ALA C 25 -33.67 12.69 -17.61
CA ALA C 25 -34.35 13.92 -18.00
C ALA C 25 -33.85 14.46 -19.33
N GLU C 26 -34.79 14.95 -20.14
CA GLU C 26 -34.47 15.56 -21.42
C GLU C 26 -33.74 16.89 -21.24
N VAL C 27 -32.69 17.09 -22.04
CA VAL C 27 -31.98 18.36 -22.06
C VAL C 27 -32.52 19.24 -23.19
N PRO C 28 -33.22 20.33 -22.82
CA PRO C 28 -33.85 21.21 -23.81
C PRO C 28 -32.85 22.18 -24.44
N HIS C 29 -33.32 22.94 -25.43
CA HIS C 29 -32.53 23.99 -26.08
C HIS C 29 -31.24 23.50 -26.73
N GLN C 30 -31.20 22.23 -27.13
CA GLN C 30 -30.05 21.68 -27.82
C GLN C 30 -30.02 22.15 -29.28
N ASN C 31 -31.19 22.43 -29.82
CA ASN C 31 -31.31 22.81 -31.23
C ASN C 31 -31.27 24.32 -31.49
N ARG C 32 -30.12 24.92 -31.21
CA ARG C 32 -29.89 26.32 -31.53
C ARG C 32 -28.39 26.62 -31.64
N ALA C 33 -28.04 27.61 -32.44
CA ALA C 33 -26.63 27.87 -32.77
C ALA C 33 -26.00 28.97 -31.92
N ASP C 34 -26.66 29.35 -30.83
CA ASP C 34 -26.10 30.36 -29.93
C ASP C 34 -25.43 29.71 -28.73
N GLU C 35 -24.99 30.53 -27.78
CA GLU C 35 -24.24 30.06 -26.61
C GLU C 35 -25.06 29.09 -25.76
N ILE C 36 -26.36 29.34 -25.70
CA ILE C 36 -27.28 28.48 -24.96
C ILE C 36 -27.34 27.09 -25.59
N GLY C 37 -27.25 27.03 -26.91
CA GLY C 37 -27.22 25.77 -27.63
C GLY C 37 -25.95 24.98 -27.34
N ILE C 38 -24.82 25.68 -27.34
CA ILE C 38 -23.53 25.07 -27.04
C ILE C 38 -23.55 24.48 -25.64
N LEU C 39 -23.98 25.31 -24.69
CA LEU C 39 -24.10 24.90 -23.29
C LEU C 39 -24.98 23.67 -23.16
N ALA C 40 -26.15 23.71 -23.80
CA ALA C 40 -27.11 22.61 -23.76
C ALA C 40 -26.52 21.30 -24.30
N LYS C 41 -25.81 21.40 -25.42
CA LYS C 41 -25.15 20.24 -26.01
C LYS C 41 -24.12 19.65 -25.05
N SER C 42 -23.33 20.53 -24.44
CA SER C 42 -22.35 20.12 -23.45
C SER C 42 -23.02 19.39 -22.28
N ILE C 43 -24.15 19.92 -21.84
CA ILE C 43 -24.94 19.31 -20.77
C ILE C 43 -25.41 17.92 -21.17
N GLU C 44 -25.83 17.77 -22.43
CA GLU C 44 -26.29 16.47 -22.91
C GLU C 44 -25.16 15.45 -22.92
N ARG C 45 -23.99 15.87 -23.40
CA ARG C 45 -22.81 15.00 -23.40
C ARG C 45 -22.48 14.56 -21.98
N LEU C 46 -22.46 15.50 -21.06
CA LEU C 46 -22.19 15.20 -19.66
C LEU C 46 -23.24 14.23 -19.09
N ARG C 47 -24.49 14.42 -19.47
CA ARG C 47 -25.57 13.56 -18.99
C ARG C 47 -25.36 12.12 -19.45
N ARG C 48 -25.03 11.96 -20.73
CA ARG C 48 -24.75 10.63 -21.27
C ARG C 48 -23.58 9.97 -20.56
N SER C 49 -22.48 10.72 -20.43
CA SER C 49 -21.29 10.20 -19.74
C SER C 49 -21.59 9.78 -18.31
N LEU C 50 -22.28 10.64 -17.58
CA LEU C 50 -22.65 10.36 -16.19
C LEU C 50 -23.56 9.15 -16.08
N LYS C 51 -24.45 8.96 -17.06
CA LYS C 51 -25.33 7.81 -17.04
C LYS C 51 -24.57 6.51 -17.27
N GLN C 52 -23.73 6.50 -18.30
CA GLN C 52 -22.91 5.33 -18.58
C GLN C 52 -22.00 4.97 -17.40
N LEU C 53 -21.36 6.00 -16.82
CA LEU C 53 -20.53 5.81 -15.64
C LEU C 53 -21.33 5.29 -14.45
N ALA C 54 -22.56 5.77 -14.31
CA ALA C 54 -23.45 5.33 -13.24
C ALA C 54 -23.77 3.85 -13.40
N ASP C 55 -23.97 3.41 -14.64
CA ASP C 55 -24.24 2.01 -14.92
C ASP C 55 -23.03 1.12 -14.61
N ASP C 56 -21.84 1.61 -14.96
CA ASP C 56 -20.62 0.82 -14.82
C ASP C 56 -19.87 1.06 -13.50
N ARG C 57 -20.57 1.64 -12.53
CA ARG C 57 -19.96 1.94 -11.24
C ARG C 57 -19.44 0.70 -10.52
N THR C 58 -20.21 -0.37 -10.58
CA THR C 58 -19.85 -1.64 -9.94
C THR C 58 -18.68 -2.33 -10.65
N LEU C 59 -18.60 -2.12 -11.96
CA LEU C 59 -17.68 -2.85 -12.85
C LEU C 59 -16.24 -2.99 -12.36
N LEU C 60 -15.70 -1.94 -11.74
CA LEU C 60 -14.32 -1.95 -11.28
C LEU C 60 -14.10 -2.94 -10.15
N MET C 61 -14.89 -2.80 -9.08
CA MET C 61 -14.80 -3.69 -7.93
C MET C 61 -15.15 -5.12 -8.31
N ALA C 62 -16.14 -5.26 -9.20
CA ALA C 62 -16.52 -6.57 -9.72
C ALA C 62 -15.34 -7.19 -10.46
N GLY C 63 -14.59 -6.35 -11.17
CA GLY C 63 -13.38 -6.77 -11.85
C GLY C 63 -12.33 -7.24 -10.86
N VAL C 64 -12.17 -6.51 -9.76
CA VAL C 64 -11.24 -6.89 -8.72
C VAL C 64 -11.60 -8.26 -8.15
N SER C 65 -12.88 -8.45 -7.84
CA SER C 65 -13.37 -9.72 -7.32
C SER C 65 -13.13 -10.86 -8.32
N HIS C 66 -13.36 -10.56 -9.60
CA HIS C 66 -13.13 -11.54 -10.66
C HIS C 66 -11.68 -11.98 -10.73
N ASP C 67 -10.77 -11.01 -10.73
CA ASP C 67 -9.35 -11.31 -10.78
C ASP C 67 -8.84 -11.99 -9.51
N LEU C 68 -9.51 -11.74 -8.38
CA LEU C 68 -9.15 -12.38 -7.12
C LEU C 68 -9.71 -13.79 -7.00
N ARG C 69 -10.74 -14.07 -7.78
CA ARG C 69 -11.47 -15.34 -7.68
C ARG C 69 -10.60 -16.57 -7.95
N THR C 70 -9.72 -16.46 -8.93
CA THR C 70 -8.85 -17.59 -9.30
C THR C 70 -7.75 -17.91 -8.27
N PRO C 71 -6.92 -16.92 -7.88
CA PRO C 71 -5.85 -17.27 -6.93
C PRO C 71 -6.38 -17.63 -5.54
N LEU C 72 -7.45 -16.99 -5.09
CA LEU C 72 -8.02 -17.28 -3.78
C LEU C 72 -8.66 -18.67 -3.74
N THR C 73 -9.10 -19.15 -4.90
CA THR C 73 -9.65 -20.49 -5.00
C THR C 73 -8.55 -21.54 -4.96
N ARG C 74 -7.44 -21.24 -5.63
CA ARG C 74 -6.27 -22.11 -5.61
C ARG C 74 -5.72 -22.26 -4.19
N ILE C 75 -5.78 -21.17 -3.42
CA ILE C 75 -5.37 -21.20 -2.04
C ILE C 75 -6.32 -22.08 -1.22
N ARG C 76 -7.61 -21.95 -1.50
CA ARG C 76 -8.63 -22.77 -0.86
C ARG C 76 -8.38 -24.24 -1.12
N LEU C 77 -7.95 -24.55 -2.34
CA LEU C 77 -7.66 -25.92 -2.74
C LEU C 77 -6.40 -26.43 -2.06
N ALA C 78 -5.41 -25.55 -1.91
CA ALA C 78 -4.13 -25.93 -1.30
C ALA C 78 -4.28 -26.31 0.16
N THR C 79 -5.27 -25.74 0.83
CA THR C 79 -5.49 -26.02 2.25
C THR C 79 -6.11 -27.38 2.49
N GLU C 80 -6.63 -28.00 1.43
CA GLU C 80 -7.26 -29.31 1.55
C GLU C 80 -6.25 -30.44 1.45
N MET C 81 -5.09 -30.16 0.88
CA MET C 81 -4.02 -31.15 0.81
C MET C 81 -2.90 -30.86 1.82
N MET C 82 -3.23 -30.05 2.83
CA MET C 82 -2.30 -29.79 3.92
C MET C 82 -2.41 -30.89 4.97
N SER C 83 -1.38 -31.02 5.80
CA SER C 83 -1.36 -32.05 6.85
C SER C 83 -2.41 -31.78 7.93
N GLU C 84 -2.63 -32.77 8.77
CA GLU C 84 -3.63 -32.67 9.84
C GLU C 84 -3.11 -31.80 10.98
N GLN C 85 -1.79 -31.77 11.14
CA GLN C 85 -1.15 -30.96 12.17
C GLN C 85 -1.33 -29.47 11.90
N ASP C 86 -1.47 -29.11 10.63
CA ASP C 86 -1.65 -27.72 10.23
C ASP C 86 -3.11 -27.39 9.94
N GLY C 87 -4.01 -28.04 10.69
CA GLY C 87 -5.43 -27.82 10.51
C GLY C 87 -5.86 -26.41 10.90
N TYR C 88 -5.29 -25.92 12.00
CA TYR C 88 -5.60 -24.57 12.49
C TYR C 88 -5.16 -23.52 11.48
N LEU C 89 -4.06 -23.80 10.78
CA LEU C 89 -3.55 -22.91 9.75
C LEU C 89 -4.51 -22.83 8.57
N ALA C 90 -4.96 -24.00 8.11
CA ALA C 90 -5.91 -24.07 7.00
C ALA C 90 -7.21 -23.37 7.36
N GLU C 91 -7.68 -23.60 8.57
CA GLU C 91 -8.89 -22.97 9.07
C GLU C 91 -8.74 -21.45 9.10
N SER C 92 -7.58 -20.99 9.59
CA SER C 92 -7.26 -19.57 9.64
C SER C 92 -7.31 -18.94 8.25
N ILE C 93 -6.60 -19.57 7.32
CA ILE C 93 -6.57 -19.10 5.93
C ILE C 93 -7.97 -19.01 5.32
N ASN C 94 -8.76 -20.06 5.53
CA ASN C 94 -10.13 -20.10 5.04
C ASN C 94 -10.97 -18.96 5.61
N LYS C 95 -10.81 -18.71 6.91
CA LYS C 95 -11.51 -17.61 7.56
C LYS C 95 -11.09 -16.25 6.97
N ASP C 96 -9.81 -16.13 6.65
CA ASP C 96 -9.31 -14.90 6.03
C ASP C 96 -9.92 -14.68 4.64
N ILE C 97 -10.00 -15.75 3.85
CA ILE C 97 -10.61 -15.69 2.54
C ILE C 97 -12.09 -15.30 2.66
N GLU C 98 -12.76 -15.88 3.64
CA GLU C 98 -14.14 -15.53 3.95
C GLU C 98 -14.28 -14.04 4.26
N GLU C 99 -13.32 -13.51 5.01
CA GLU C 99 -13.29 -12.08 5.31
C GLU C 99 -13.16 -11.26 4.04
N CYS C 100 -12.25 -11.67 3.15
CA CYS C 100 -12.10 -11.04 1.84
C CYS C 100 -13.46 -10.95 1.13
N ASN C 101 -14.14 -12.10 1.06
CA ASN C 101 -15.47 -12.16 0.45
C ASN C 101 -16.45 -11.18 1.09
N ALA C 102 -16.48 -11.16 2.41
CA ALA C 102 -17.38 -10.25 3.15
C ALA C 102 -17.11 -8.80 2.78
N ILE C 103 -15.84 -8.39 2.81
CA ILE C 103 -15.45 -7.03 2.48
C ILE C 103 -15.86 -6.64 1.05
N ILE C 104 -15.44 -7.45 0.08
CA ILE C 104 -15.74 -7.18 -1.32
C ILE C 104 -17.25 -7.09 -1.57
N GLU C 105 -17.98 -8.10 -1.09
CA GLU C 105 -19.42 -8.15 -1.27
C GLU C 105 -20.12 -6.96 -0.63
N GLN C 106 -19.68 -6.56 0.56
CA GLN C 106 -20.29 -5.44 1.25
C GLN C 106 -20.04 -4.13 0.51
N PHE C 107 -18.80 -3.91 0.09
CA PHE C 107 -18.47 -2.68 -0.64
C PHE C 107 -19.21 -2.59 -1.96
N ILE C 108 -19.31 -3.71 -2.68
CA ILE C 108 -20.08 -3.74 -3.92
C ILE C 108 -21.56 -3.47 -3.64
N ASP C 109 -22.07 -4.03 -2.55
CA ASP C 109 -23.44 -3.76 -2.11
C ASP C 109 -23.66 -2.27 -1.86
N TYR C 110 -22.64 -1.60 -1.34
CA TYR C 110 -22.71 -0.15 -1.16
C TYR C 110 -22.74 0.57 -2.51
N LEU C 111 -21.82 0.18 -3.39
CA LEU C 111 -21.70 0.81 -4.71
C LEU C 111 -22.97 0.62 -5.54
N ARG C 112 -23.74 -0.41 -5.22
CA ARG C 112 -24.97 -0.70 -5.94
C ARG C 112 -26.02 0.38 -5.66
N THR C 113 -25.99 0.94 -4.46
CA THR C 113 -26.91 2.00 -4.08
C THR C 113 -26.67 3.27 -4.89
N ASP C 123 -45.37 -2.94 -3.56
CA ASP C 123 -45.97 -3.40 -2.31
C ASP C 123 -44.91 -3.75 -1.27
N LEU C 124 -45.04 -3.18 -0.08
CA LEU C 124 -44.08 -3.41 1.00
C LEU C 124 -44.13 -4.84 1.52
N ASN C 125 -45.31 -5.28 1.93
CA ASN C 125 -45.49 -6.59 2.54
C ASN C 125 -45.09 -7.76 1.63
N ALA C 126 -45.08 -7.50 0.33
CA ALA C 126 -44.68 -8.52 -0.65
C ALA C 126 -43.19 -8.83 -0.53
N VAL C 127 -42.36 -7.81 -0.71
CA VAL C 127 -40.91 -7.98 -0.62
C VAL C 127 -40.48 -8.29 0.81
N LEU C 128 -41.14 -7.66 1.78
CA LEU C 128 -40.88 -7.96 3.19
C LEU C 128 -41.16 -9.43 3.47
N GLY C 129 -42.21 -9.96 2.84
CA GLY C 129 -42.52 -11.37 2.92
C GLY C 129 -41.48 -12.21 2.22
N GLU C 130 -40.92 -11.67 1.14
CA GLU C 130 -39.90 -12.37 0.37
C GLU C 130 -38.60 -12.57 1.13
N VAL C 131 -38.11 -11.51 1.77
CA VAL C 131 -36.84 -11.56 2.49
C VAL C 131 -36.84 -12.60 3.62
N ILE C 132 -38.02 -12.84 4.20
CA ILE C 132 -38.16 -13.78 5.31
C ILE C 132 -37.62 -15.17 4.98
N ALA C 133 -38.04 -15.71 3.85
CA ALA C 133 -37.60 -17.04 3.42
C ALA C 133 -36.17 -17.00 2.90
N GLU C 141 -34.42 -16.91 14.93
CA GLU C 141 -35.87 -16.91 14.87
C GLU C 141 -36.40 -15.56 14.40
N ILE C 142 -37.32 -15.58 13.44
CA ILE C 142 -37.90 -14.36 12.90
C ILE C 142 -39.38 -14.22 13.26
N GLU C 143 -39.71 -13.15 13.96
CA GLU C 143 -41.10 -12.85 14.30
C GLU C 143 -41.64 -11.77 13.38
N THR C 144 -42.80 -12.00 12.80
CA THR C 144 -43.36 -11.09 11.80
C THR C 144 -44.66 -10.44 12.24
N ALA C 145 -44.72 -9.12 12.13
CA ALA C 145 -45.94 -8.37 12.40
C ALA C 145 -46.20 -7.36 11.28
N LEU C 146 -46.58 -7.88 10.12
CA LEU C 146 -46.81 -7.02 8.96
C LEU C 146 -48.20 -6.40 9.03
N TYR C 147 -48.43 -5.37 8.23
CA TYR C 147 -49.72 -4.68 8.21
C TYR C 147 -50.72 -5.42 7.35
N LYS C 154 -43.94 3.90 -5.87
CA LYS C 154 -42.59 4.17 -6.34
C LYS C 154 -41.55 3.54 -5.42
N MET C 155 -40.92 2.47 -5.89
CA MET C 155 -39.92 1.77 -5.09
C MET C 155 -38.94 0.98 -5.96
N HIS C 156 -37.84 0.56 -5.35
CA HIS C 156 -36.88 -0.32 -6.00
C HIS C 156 -36.77 -1.61 -5.19
N PRO C 157 -37.48 -2.66 -5.63
CA PRO C 157 -37.61 -3.94 -4.91
C PRO C 157 -36.28 -4.53 -4.45
N LEU C 158 -35.30 -4.53 -5.33
CA LEU C 158 -33.98 -5.08 -5.01
C LEU C 158 -33.30 -4.26 -3.91
N SER C 159 -33.43 -2.94 -4.00
CA SER C 159 -32.85 -2.04 -3.01
C SER C 159 -33.44 -2.30 -1.62
N ILE C 160 -34.76 -2.28 -1.53
CA ILE C 160 -35.45 -2.56 -0.28
C ILE C 160 -35.05 -3.93 0.26
N LYS C 161 -34.98 -4.91 -0.64
CA LYS C 161 -34.56 -6.26 -0.28
C LYS C 161 -33.18 -6.27 0.39
N ARG C 162 -32.23 -5.60 -0.25
CA ARG C 162 -30.87 -5.50 0.30
C ARG C 162 -30.86 -4.78 1.64
N ALA C 163 -31.69 -3.75 1.77
CA ALA C 163 -31.80 -2.99 3.01
C ALA C 163 -32.28 -3.87 4.16
N VAL C 164 -33.37 -4.58 3.94
CA VAL C 164 -33.92 -5.50 4.93
C VAL C 164 -32.89 -6.57 5.28
N ALA C 165 -32.20 -7.07 4.25
CA ALA C 165 -31.15 -8.06 4.44
C ALA C 165 -30.08 -7.55 5.40
N ASN C 166 -29.59 -6.35 5.16
CA ASN C 166 -28.55 -5.75 6.00
C ASN C 166 -29.03 -5.47 7.42
N MET C 167 -30.28 -5.03 7.54
CA MET C 167 -30.88 -4.75 8.84
C MET C 167 -30.96 -6.03 9.66
N VAL C 168 -31.45 -7.10 9.05
CA VAL C 168 -31.52 -8.40 9.68
C VAL C 168 -30.13 -8.90 10.07
N VAL C 169 -29.16 -8.69 9.18
CA VAL C 169 -27.77 -9.06 9.44
C VAL C 169 -27.22 -8.37 10.68
N ASN C 170 -27.47 -7.07 10.79
CA ASN C 170 -27.04 -6.31 11.97
C ASN C 170 -27.74 -6.78 13.25
N ALA C 171 -29.06 -6.94 13.16
CA ALA C 171 -29.87 -7.35 14.30
C ALA C 171 -29.49 -8.73 14.80
N ALA C 172 -29.00 -9.58 13.90
CA ALA C 172 -28.52 -10.90 14.25
C ALA C 172 -27.09 -10.82 14.80
N ARG C 173 -26.32 -9.90 14.25
CA ARG C 173 -24.91 -9.74 14.63
C ARG C 173 -24.74 -9.21 16.04
N TYR C 174 -25.65 -8.34 16.47
CA TYR C 174 -25.52 -7.77 17.81
C TYR C 174 -26.69 -8.06 18.74
N GLY C 175 -27.81 -8.53 18.21
CA GLY C 175 -28.92 -8.92 19.07
C GLY C 175 -28.89 -10.41 19.35
N ASN C 176 -28.77 -10.76 20.64
CA ASN C 176 -28.69 -12.16 21.03
C ASN C 176 -30.02 -12.92 21.05
N GLY C 177 -30.49 -13.33 19.87
CA GLY C 177 -31.67 -14.17 19.78
C GLY C 177 -32.79 -13.76 18.84
N TRP C 178 -33.74 -12.98 19.34
CA TRP C 178 -34.94 -12.66 18.57
C TRP C 178 -34.74 -11.56 17.53
N ILE C 179 -35.54 -11.59 16.48
CA ILE C 179 -35.57 -10.53 15.47
C ILE C 179 -37.01 -10.27 15.05
N LYS C 180 -37.51 -9.06 15.31
CA LYS C 180 -38.89 -8.72 15.00
C LYS C 180 -39.02 -7.76 13.83
N VAL C 181 -39.58 -8.25 12.72
CA VAL C 181 -39.82 -7.42 11.55
C VAL C 181 -41.30 -7.06 11.48
N SER C 182 -41.60 -5.76 11.40
CA SER C 182 -42.99 -5.30 11.44
C SER C 182 -43.29 -4.22 10.41
N SER C 183 -44.55 -4.13 10.00
CA SER C 183 -45.00 -3.08 9.11
C SER C 183 -46.10 -2.22 9.75
N GLY C 184 -46.75 -1.40 8.93
CA GLY C 184 -47.79 -0.50 9.40
C GLY C 184 -48.01 0.65 8.44
N THR C 185 -48.85 1.60 8.83
CA THR C 185 -49.08 2.78 8.01
C THR C 185 -49.50 3.98 8.86
N GLU C 186 -49.32 5.17 8.32
CA GLU C 186 -49.70 6.40 9.01
C GLU C 186 -50.22 7.52 8.09
N PRO C 187 -49.48 7.85 7.01
CA PRO C 187 -50.02 8.88 6.11
C PRO C 187 -51.30 8.42 5.42
N ALA C 190 -44.39 4.93 5.20
CA ALA C 190 -44.94 3.60 4.93
C ALA C 190 -44.53 2.61 6.01
N TRP C 191 -43.46 2.97 6.74
CA TRP C 191 -43.04 2.27 7.96
C TRP C 191 -42.75 0.77 7.83
N PHE C 192 -41.48 0.42 7.84
CA PHE C 192 -41.06 -0.98 7.97
C PHE C 192 -39.87 -1.04 8.92
N GLN C 193 -39.93 -1.94 9.90
CA GLN C 193 -39.01 -1.86 11.03
C GLN C 193 -38.45 -3.21 11.48
N VAL C 194 -37.18 -3.22 11.86
CA VAL C 194 -36.55 -4.40 12.45
C VAL C 194 -36.05 -4.08 13.85
N GLU C 195 -36.43 -4.92 14.82
CA GLU C 195 -36.09 -4.68 16.22
C GLU C 195 -35.48 -5.93 16.86
N ASP C 196 -34.33 -5.77 17.51
CA ASP C 196 -33.63 -6.90 18.10
C ASP C 196 -33.57 -6.82 19.63
N ASP C 197 -32.88 -7.77 20.24
CA ASP C 197 -32.78 -7.84 21.70
C ASP C 197 -31.34 -7.74 22.20
N GLY C 198 -30.54 -6.91 21.55
CA GLY C 198 -29.15 -6.74 21.93
C GLY C 198 -28.97 -5.60 22.93
N PRO C 199 -27.79 -5.57 23.59
CA PRO C 199 -27.46 -4.52 24.55
C PRO C 199 -27.44 -3.13 23.91
N SER C 223 -15.52 0.00 6.89
CA SER C 223 -15.57 -0.86 8.07
C SER C 223 -16.43 -2.10 7.81
N GLY C 224 -17.45 -2.30 8.64
CA GLY C 224 -18.32 -3.45 8.51
C GLY C 224 -19.78 -3.12 8.76
N THR C 225 -20.16 -3.07 10.04
CA THR C 225 -21.53 -2.80 10.43
C THR C 225 -21.99 -1.41 9.97
N GLY C 226 -21.14 -0.42 10.19
CA GLY C 226 -21.44 0.95 9.80
C GLY C 226 -21.56 1.09 8.30
N LEU C 227 -20.88 0.21 7.57
CA LEU C 227 -20.97 0.19 6.11
C LEU C 227 -22.36 -0.30 5.70
N GLY C 228 -22.83 -1.34 6.37
CA GLY C 228 -24.17 -1.87 6.12
C GLY C 228 -25.23 -0.85 6.44
N LEU C 229 -25.07 -0.18 7.58
CA LEU C 229 -25.99 0.88 7.98
C LEU C 229 -25.96 2.03 6.97
N ALA C 230 -24.78 2.27 6.40
CA ALA C 230 -24.63 3.29 5.35
C ALA C 230 -25.38 2.86 4.08
N ILE C 231 -25.36 1.56 3.81
CA ILE C 231 -26.07 1.02 2.65
C ILE C 231 -27.57 1.21 2.84
N VAL C 232 -28.06 0.85 4.02
CA VAL C 232 -29.46 1.05 4.36
C VAL C 232 -29.85 2.52 4.23
N GLN C 233 -29.01 3.39 4.78
CA GLN C 233 -29.22 4.83 4.72
C GLN C 233 -29.32 5.33 3.28
N ARG C 234 -28.41 4.85 2.43
CA ARG C 234 -28.41 5.25 1.03
C ARG C 234 -29.66 4.76 0.31
N ILE C 235 -30.06 3.53 0.63
CA ILE C 235 -31.25 2.93 0.02
C ILE C 235 -32.52 3.69 0.39
N VAL C 236 -32.67 4.03 1.67
CA VAL C 236 -33.84 4.77 2.10
C VAL C 236 -33.79 6.23 1.67
N ASP C 237 -32.59 6.75 1.43
CA ASP C 237 -32.43 8.11 0.93
C ASP C 237 -32.75 8.19 -0.56
N ASN C 238 -32.57 7.08 -1.26
CA ASN C 238 -32.91 7.00 -2.68
C ASN C 238 -34.41 7.13 -2.92
N HIS C 239 -35.20 6.69 -1.94
CA HIS C 239 -36.66 6.72 -2.05
C HIS C 239 -37.25 7.90 -1.28
N ASN C 240 -36.43 8.91 -1.02
CA ASN C 240 -36.85 10.10 -0.28
C ASN C 240 -37.45 9.76 1.08
N GLY C 241 -36.85 8.80 1.77
CA GLY C 241 -37.36 8.33 3.05
C GLY C 241 -36.58 8.85 4.24
N MET C 242 -36.84 8.28 5.40
CA MET C 242 -36.18 8.70 6.64
C MET C 242 -35.86 7.50 7.51
N LEU C 243 -34.67 7.51 8.12
CA LEU C 243 -34.25 6.42 9.00
C LEU C 243 -34.42 6.82 10.46
N GLU C 244 -34.90 5.88 11.26
CA GLU C 244 -35.23 6.17 12.65
C GLU C 244 -34.70 5.10 13.61
N LEU C 245 -33.77 5.50 14.47
CA LEU C 245 -33.24 4.62 15.50
C LEU C 245 -33.97 4.81 16.83
N GLY C 246 -34.06 3.74 17.61
CA GLY C 246 -34.73 3.80 18.89
C GLY C 246 -34.68 2.47 19.63
N LEU C 253 -32.46 -1.43 20.50
CA LEU C 253 -32.05 -1.10 19.14
C LEU C 253 -33.23 -1.41 18.22
N SER C 254 -33.91 -0.38 17.73
CA SER C 254 -34.99 -0.54 16.76
C SER C 254 -34.75 0.33 15.54
N ILE C 255 -34.79 -0.27 14.35
CA ILE C 255 -34.57 0.47 13.12
C ILE C 255 -35.85 0.54 12.28
N ARG C 256 -36.44 1.73 12.22
CA ARG C 256 -37.66 1.94 11.46
C ARG C 256 -37.40 2.81 10.23
N ALA C 257 -37.98 2.44 9.11
CA ALA C 257 -37.79 3.19 7.86
C ALA C 257 -39.10 3.64 7.25
N TRP C 258 -39.19 4.94 6.96
CA TRP C 258 -40.38 5.53 6.37
C TRP C 258 -40.24 5.66 4.86
N LEU C 259 -41.35 5.60 4.15
CA LEU C 259 -41.35 5.76 2.70
C LEU C 259 -42.44 6.72 2.25
N THR D 5 -24.49 37.66 -22.47
CA THR D 5 -23.71 36.86 -23.40
C THR D 5 -22.38 36.45 -22.77
N ARG D 6 -21.62 37.43 -22.30
CA ARG D 6 -20.33 37.18 -21.67
C ARG D 6 -20.38 36.27 -20.43
N PRO D 7 -21.32 36.54 -19.48
CA PRO D 7 -21.41 35.62 -18.34
C PRO D 7 -21.80 34.21 -18.76
N ILE D 8 -22.63 34.10 -19.79
CA ILE D 8 -23.02 32.81 -20.34
C ILE D 8 -21.79 32.08 -20.89
N ILE D 9 -20.90 32.84 -21.53
CA ILE D 9 -19.66 32.29 -22.06
C ILE D 9 -18.73 31.82 -20.94
N GLU D 10 -18.63 32.63 -19.88
CA GLU D 10 -17.81 32.27 -18.72
C GLU D 10 -18.32 31.00 -18.06
N LEU D 11 -19.62 30.94 -17.82
CA LEU D 11 -20.24 29.74 -17.24
C LEU D 11 -20.11 28.54 -18.16
N SER D 12 -20.10 28.79 -19.47
CA SER D 12 -19.92 27.73 -20.45
C SER D 12 -18.53 27.13 -20.36
N ASN D 13 -17.52 27.99 -20.30
CA ASN D 13 -16.13 27.55 -20.18
C ASN D 13 -15.89 26.83 -18.86
N THR D 14 -16.45 27.39 -17.79
CA THR D 14 -16.34 26.79 -16.46
C THR D 14 -16.96 25.39 -16.45
N PHE D 15 -18.15 25.28 -17.03
CA PHE D 15 -18.85 24.00 -17.10
C PHE D 15 -18.09 23.01 -17.97
N ASP D 16 -17.43 23.51 -19.01
CA ASP D 16 -16.59 22.69 -19.87
C ASP D 16 -15.43 22.13 -19.05
N LYS D 17 -14.87 22.98 -18.19
CA LYS D 17 -13.78 22.57 -17.32
C LYS D 17 -14.22 21.55 -16.28
N ILE D 18 -15.47 21.66 -15.83
CA ILE D 18 -16.03 20.71 -14.88
C ILE D 18 -16.29 19.35 -15.54
N ALA D 19 -16.86 19.39 -16.74
CA ALA D 19 -17.21 18.18 -17.48
C ALA D 19 -15.97 17.36 -17.87
N GLU D 20 -14.84 18.03 -18.03
CA GLU D 20 -13.61 17.36 -18.42
C GLU D 20 -12.82 16.81 -17.23
N GLY D 21 -13.41 16.92 -16.04
CA GLY D 21 -12.85 16.29 -14.86
C GLY D 21 -12.45 17.20 -13.71
N ASN D 22 -12.32 18.49 -13.98
CA ASN D 22 -11.91 19.43 -12.95
C ASN D 22 -13.07 19.85 -12.05
N LEU D 23 -13.18 19.22 -10.89
CA LEU D 23 -14.28 19.48 -9.97
C LEU D 23 -13.90 20.47 -8.87
N GLU D 24 -12.73 21.07 -9.00
CA GLU D 24 -12.25 22.03 -8.01
C GLU D 24 -12.31 23.46 -8.52
N ALA D 25 -12.65 23.62 -9.80
CA ALA D 25 -12.72 24.94 -10.42
C ALA D 25 -13.84 25.77 -9.84
N GLU D 26 -13.54 27.03 -9.53
CA GLU D 26 -14.54 27.94 -8.97
C GLU D 26 -15.56 28.36 -10.02
N VAL D 27 -16.84 28.34 -9.64
CA VAL D 27 -17.91 28.77 -10.52
C VAL D 27 -18.19 30.26 -10.30
N PRO D 28 -18.02 31.08 -11.34
CA PRO D 28 -18.20 32.52 -11.24
C PRO D 28 -19.68 32.92 -11.28
N HIS D 29 -19.97 34.18 -10.98
CA HIS D 29 -21.30 34.76 -11.12
C HIS D 29 -22.37 34.06 -10.28
N GLN D 30 -21.96 33.42 -9.19
CA GLN D 30 -22.91 32.72 -8.32
C GLN D 30 -23.80 33.68 -7.55
N ASN D 31 -23.27 34.86 -7.23
CA ASN D 31 -24.01 35.84 -6.44
C ASN D 31 -24.60 36.96 -7.27
N ARG D 32 -25.45 36.60 -8.23
CA ARG D 32 -26.13 37.60 -9.05
C ARG D 32 -27.64 37.47 -8.88
N ALA D 33 -28.35 38.58 -9.01
CA ALA D 33 -29.78 38.62 -8.78
C ALA D 33 -30.60 38.43 -10.06
N ASP D 34 -29.94 37.97 -11.11
CA ASP D 34 -30.62 37.66 -12.37
C ASP D 34 -30.61 36.16 -12.65
N GLU D 35 -30.98 35.79 -13.87
CA GLU D 35 -31.03 34.38 -14.26
C GLU D 35 -29.65 33.73 -14.26
N ILE D 36 -28.62 34.54 -14.49
CA ILE D 36 -27.24 34.07 -14.49
C ILE D 36 -26.88 33.52 -13.11
N GLY D 37 -27.41 34.14 -12.07
CA GLY D 37 -27.21 33.67 -10.71
C GLY D 37 -27.87 32.32 -10.48
N ILE D 38 -29.05 32.13 -11.04
CA ILE D 38 -29.77 30.87 -10.94
C ILE D 38 -28.99 29.76 -11.63
N LEU D 39 -28.55 30.03 -12.86
CA LEU D 39 -27.78 29.07 -13.63
C LEU D 39 -26.48 28.71 -12.92
N ALA D 40 -25.76 29.72 -12.45
CA ALA D 40 -24.50 29.51 -11.72
C ALA D 40 -24.72 28.69 -10.45
N LYS D 41 -25.80 28.98 -9.74
CA LYS D 41 -26.17 28.22 -8.56
C LYS D 41 -26.39 26.75 -8.90
N SER D 42 -27.12 26.50 -9.98
CA SER D 42 -27.40 25.14 -10.41
C SER D 42 -26.12 24.38 -10.77
N ILE D 43 -25.27 25.02 -11.56
CA ILE D 43 -23.99 24.44 -11.94
C ILE D 43 -23.14 24.14 -10.70
N GLU D 44 -23.18 25.05 -9.74
CA GLU D 44 -22.45 24.87 -8.48
C GLU D 44 -23.00 23.67 -7.71
N ARG D 45 -24.32 23.48 -7.76
CA ARG D 45 -24.95 22.34 -7.11
C ARG D 45 -24.46 21.03 -7.75
N LEU D 46 -24.44 21.01 -9.08
CA LEU D 46 -23.93 19.86 -9.82
C LEU D 46 -22.49 19.56 -9.44
N ARG D 47 -21.66 20.60 -9.42
CA ARG D 47 -20.25 20.46 -9.09
C ARG D 47 -20.04 19.92 -7.68
N ARG D 48 -20.82 20.43 -6.74
CA ARG D 48 -20.76 19.94 -5.36
C ARG D 48 -21.15 18.47 -5.27
N SER D 49 -22.20 18.10 -6.01
CA SER D 49 -22.65 16.72 -6.04
C SER D 49 -21.56 15.79 -6.56
N LEU D 50 -21.06 16.10 -7.75
CA LEU D 50 -20.02 15.30 -8.40
C LEU D 50 -18.76 15.20 -7.54
N LYS D 51 -18.35 16.32 -6.95
CA LYS D 51 -17.16 16.36 -6.12
C LYS D 51 -17.32 15.48 -4.89
N GLN D 52 -18.47 15.61 -4.23
CA GLN D 52 -18.78 14.80 -3.06
C GLN D 52 -18.72 13.32 -3.40
N LEU D 53 -19.43 12.94 -4.45
CA LEU D 53 -19.46 11.54 -4.89
C LEU D 53 -18.06 11.01 -5.21
N ALA D 54 -17.28 11.79 -5.95
CA ALA D 54 -15.93 11.40 -6.33
C ALA D 54 -15.02 11.21 -5.13
N ASP D 55 -15.02 12.20 -4.23
CA ASP D 55 -14.18 12.15 -3.03
C ASP D 55 -14.54 10.97 -2.15
N ASP D 56 -15.84 10.73 -1.98
CA ASP D 56 -16.29 9.60 -1.18
C ASP D 56 -15.91 8.28 -1.83
N ARG D 57 -15.97 8.25 -3.16
CA ARG D 57 -15.56 7.07 -3.91
C ARG D 57 -14.07 6.77 -3.70
N THR D 58 -13.24 7.79 -3.80
CA THR D 58 -11.79 7.63 -3.63
C THR D 58 -11.48 7.16 -2.22
N LEU D 59 -12.06 7.84 -1.24
CA LEU D 59 -11.84 7.52 0.16
C LEU D 59 -12.23 6.08 0.48
N LEU D 60 -13.46 5.72 0.13
CA LEU D 60 -13.97 4.38 0.40
C LEU D 60 -13.20 3.30 -0.35
N MET D 61 -12.79 3.61 -1.58
CA MET D 61 -12.01 2.67 -2.38
C MET D 61 -10.65 2.40 -1.74
N ALA D 62 -10.01 3.46 -1.26
CA ALA D 62 -8.73 3.33 -0.57
C ALA D 62 -8.89 2.48 0.68
N GLY D 63 -9.89 2.83 1.50
CA GLY D 63 -10.16 2.10 2.73
C GLY D 63 -10.43 0.62 2.50
N VAL D 64 -11.23 0.31 1.49
CA VAL D 64 -11.57 -1.06 1.16
C VAL D 64 -10.35 -1.82 0.61
N SER D 65 -9.54 -1.13 -0.18
CA SER D 65 -8.31 -1.74 -0.71
C SER D 65 -7.38 -2.14 0.43
N HIS D 66 -7.22 -1.24 1.40
CA HIS D 66 -6.43 -1.53 2.60
C HIS D 66 -7.01 -2.72 3.37
N ASP D 67 -8.32 -2.64 3.62
CA ASP D 67 -9.03 -3.68 4.36
C ASP D 67 -8.95 -5.04 3.68
N LEU D 68 -8.76 -5.03 2.36
CA LEU D 68 -8.56 -6.25 1.59
C LEU D 68 -7.11 -6.71 1.68
N ARG D 69 -6.21 -5.75 1.80
CA ARG D 69 -4.80 -6.05 1.96
C ARG D 69 -4.51 -6.68 3.32
N THR D 70 -5.39 -6.44 4.27
CA THR D 70 -5.21 -7.01 5.62
C THR D 70 -5.25 -8.55 5.71
N PRO D 71 -6.36 -9.20 5.30
CA PRO D 71 -6.39 -10.65 5.46
C PRO D 71 -5.46 -11.37 4.50
N LEU D 72 -5.12 -10.72 3.39
CA LEU D 72 -4.16 -11.29 2.45
C LEU D 72 -2.78 -11.34 3.09
N THR D 73 -2.50 -10.37 3.96
CA THR D 73 -1.25 -10.32 4.69
C THR D 73 -1.20 -11.43 5.73
N ARG D 74 -2.34 -11.68 6.38
CA ARG D 74 -2.45 -12.73 7.39
C ARG D 74 -2.22 -14.13 6.81
N ILE D 75 -2.68 -14.34 5.58
CA ILE D 75 -2.48 -15.62 4.91
C ILE D 75 -1.00 -15.81 4.56
N ARG D 76 -0.37 -14.73 4.12
CA ARG D 76 1.05 -14.76 3.81
C ARG D 76 1.88 -15.07 5.06
N LEU D 77 1.40 -14.58 6.21
CA LEU D 77 2.03 -14.90 7.48
C LEU D 77 1.79 -16.36 7.86
N ALA D 78 0.60 -16.86 7.51
CA ALA D 78 0.20 -18.22 7.87
C ALA D 78 1.04 -19.29 7.17
N THR D 79 1.53 -18.98 5.97
CA THR D 79 2.32 -19.94 5.22
C THR D 79 3.75 -20.06 5.75
N GLU D 80 4.13 -19.15 6.64
CA GLU D 80 5.46 -19.14 7.22
C GLU D 80 5.51 -20.02 8.48
N MET D 81 4.37 -20.55 8.88
CA MET D 81 4.30 -21.42 10.04
C MET D 81 3.88 -22.84 9.66
N MET D 82 3.92 -23.13 8.37
CA MET D 82 3.55 -24.45 7.87
C MET D 82 4.74 -25.41 7.98
N SER D 83 4.43 -26.70 8.04
CA SER D 83 5.46 -27.72 8.20
C SER D 83 6.38 -27.81 6.98
N GLU D 84 7.45 -28.58 7.11
CA GLU D 84 8.40 -28.76 6.02
C GLU D 84 7.82 -29.65 4.93
N GLN D 85 6.90 -30.52 5.30
CA GLN D 85 6.22 -31.39 4.35
C GLN D 85 5.34 -30.58 3.40
N ASP D 86 4.77 -29.49 3.92
CA ASP D 86 3.84 -28.68 3.16
C ASP D 86 4.51 -27.46 2.55
N GLY D 87 5.79 -27.59 2.20
CA GLY D 87 6.55 -26.49 1.64
C GLY D 87 6.04 -26.02 0.29
N TYR D 88 5.68 -26.98 -0.56
CA TYR D 88 5.16 -26.68 -1.89
C TYR D 88 3.81 -25.96 -1.82
N LEU D 89 2.99 -26.35 -0.84
CA LEU D 89 1.72 -25.68 -0.61
C LEU D 89 1.93 -24.22 -0.27
N ALA D 90 2.79 -23.97 0.72
CA ALA D 90 3.11 -22.62 1.14
C ALA D 90 3.68 -21.80 -0.03
N GLU D 91 4.49 -22.47 -0.85
CA GLU D 91 5.08 -21.85 -2.04
C GLU D 91 3.99 -21.36 -3.00
N SER D 92 3.09 -22.27 -3.35
CA SER D 92 1.97 -21.96 -4.24
C SER D 92 1.11 -20.82 -3.69
N ILE D 93 0.69 -20.96 -2.44
CA ILE D 93 -0.13 -19.95 -1.78
C ILE D 93 0.56 -18.59 -1.79
N ASN D 94 1.86 -18.58 -1.54
CA ASN D 94 2.63 -17.34 -1.62
C ASN D 94 2.57 -16.73 -3.01
N LYS D 95 2.69 -17.57 -4.04
CA LYS D 95 2.58 -17.09 -5.41
C LYS D 95 1.21 -16.45 -5.68
N ASP D 96 0.16 -17.13 -5.25
CA ASP D 96 -1.21 -16.64 -5.42
C ASP D 96 -1.43 -15.30 -4.71
N ILE D 97 -0.90 -15.19 -3.50
CA ILE D 97 -0.98 -13.96 -2.73
C ILE D 97 -0.23 -12.83 -3.43
N GLU D 98 0.92 -13.16 -4.02
CA GLU D 98 1.64 -12.20 -4.84
C GLU D 98 0.77 -11.69 -5.98
N GLU D 99 0.03 -12.61 -6.62
CA GLU D 99 -0.89 -12.23 -7.68
C GLU D 99 -1.99 -11.28 -7.19
N CYS D 100 -2.60 -11.63 -6.06
CA CYS D 100 -3.62 -10.80 -5.44
C CYS D 100 -3.11 -9.39 -5.16
N ASN D 101 -1.95 -9.31 -4.50
CA ASN D 101 -1.30 -8.04 -4.22
C ASN D 101 -1.05 -7.24 -5.49
N ALA D 102 -0.67 -7.92 -6.56
CA ALA D 102 -0.50 -7.28 -7.86
C ALA D 102 -1.81 -6.66 -8.34
N ILE D 103 -2.89 -7.41 -8.20
CA ILE D 103 -4.22 -6.92 -8.59
C ILE D 103 -4.62 -5.66 -7.82
N ILE D 104 -4.56 -5.74 -6.49
CA ILE D 104 -4.92 -4.61 -5.64
C ILE D 104 -4.03 -3.40 -5.93
N GLU D 105 -2.74 -3.65 -6.15
CA GLU D 105 -1.80 -2.60 -6.49
C GLU D 105 -2.18 -1.94 -7.81
N GLN D 106 -2.68 -2.72 -8.75
CA GLN D 106 -3.16 -2.18 -10.02
C GLN D 106 -4.35 -1.27 -9.80
N PHE D 107 -5.30 -1.76 -8.98
CA PHE D 107 -6.49 -1.00 -8.62
C PHE D 107 -6.14 0.36 -8.03
N ILE D 108 -5.27 0.35 -7.02
CA ILE D 108 -4.82 1.56 -6.37
C ILE D 108 -4.07 2.48 -7.32
N ASP D 109 -3.16 1.92 -8.11
CA ASP D 109 -2.39 2.69 -9.08
C ASP D 109 -3.30 3.40 -10.09
N TYR D 110 -4.39 2.75 -10.47
CA TYR D 110 -5.37 3.41 -11.34
C TYR D 110 -6.11 4.53 -10.61
N LEU D 111 -6.63 4.22 -9.43
CA LEU D 111 -7.40 5.20 -8.68
C LEU D 111 -6.57 6.37 -8.16
N ARG D 112 -5.25 6.25 -8.27
CA ARG D 112 -4.34 7.30 -7.82
C ARG D 112 -4.29 8.48 -8.79
N THR D 113 -4.08 8.20 -10.07
CA THR D 113 -4.05 9.26 -11.07
C THR D 113 -5.45 9.80 -11.33
N GLY D 114 -5.81 10.85 -10.59
CA GLY D 114 -7.10 11.50 -10.74
C GLY D 114 -7.23 12.26 -12.05
N GLN D 115 -6.84 13.53 -12.00
CA GLN D 115 -6.89 14.41 -13.17
C GLN D 115 -5.67 15.31 -13.22
N GLU D 116 -5.14 15.53 -14.42
CA GLU D 116 -3.93 16.32 -14.60
C GLU D 116 -4.20 17.48 -15.54
N MET D 117 -3.34 17.63 -16.55
CA MET D 117 -3.58 18.54 -17.67
C MET D 117 -4.87 18.11 -18.37
N PRO D 118 -5.99 18.75 -18.01
CA PRO D 118 -7.39 18.41 -18.35
C PRO D 118 -7.57 17.59 -19.63
N MET D 119 -7.94 18.22 -20.74
CA MET D 119 -8.10 17.49 -22.00
C MET D 119 -7.53 18.25 -23.18
N GLU D 120 -6.51 17.68 -23.80
CA GLU D 120 -5.84 18.32 -24.92
C GLU D 120 -6.18 17.65 -26.25
N MET D 121 -5.53 18.08 -27.32
CA MET D 121 -5.80 17.57 -28.65
C MET D 121 -4.60 16.78 -29.17
N ALA D 122 -4.61 15.47 -28.93
CA ALA D 122 -3.47 14.63 -29.27
C ALA D 122 -3.76 13.67 -30.41
N ASP D 123 -2.70 13.17 -31.05
CA ASP D 123 -2.83 12.25 -32.17
C ASP D 123 -3.00 10.82 -31.67
N LEU D 124 -3.96 10.10 -32.24
CA LEU D 124 -4.24 8.73 -31.85
C LEU D 124 -3.07 7.80 -32.14
N ASN D 125 -2.58 7.83 -33.38
CA ASN D 125 -1.47 6.98 -33.79
C ASN D 125 -0.19 7.23 -32.99
N ALA D 126 -0.08 8.43 -32.44
CA ALA D 126 1.07 8.79 -31.61
C ALA D 126 1.09 8.00 -30.31
N VAL D 127 0.00 8.11 -29.53
CA VAL D 127 -0.10 7.41 -28.25
C VAL D 127 -0.19 5.90 -28.46
N LEU D 128 -0.86 5.49 -29.54
CA LEU D 128 -0.92 4.08 -29.90
C LEU D 128 0.49 3.55 -30.15
N GLY D 129 1.27 4.31 -30.91
CA GLY D 129 2.66 3.97 -31.17
C GLY D 129 3.48 3.93 -29.90
N GLU D 130 3.15 4.82 -28.96
CA GLU D 130 3.81 4.85 -27.66
C GLU D 130 3.56 3.56 -26.88
N VAL D 131 2.30 3.13 -26.82
CA VAL D 131 1.96 1.88 -26.16
C VAL D 131 2.60 0.69 -26.86
N ILE D 132 2.67 0.77 -28.20
CA ILE D 132 3.32 -0.27 -28.99
C ILE D 132 4.79 -0.39 -28.63
N ALA D 133 5.46 0.75 -28.46
CA ALA D 133 6.88 0.77 -28.10
C ALA D 133 7.10 0.45 -26.62
N ALA D 134 6.43 -0.59 -26.13
CA ALA D 134 6.57 -1.02 -24.75
C ALA D 134 6.60 -2.55 -24.66
N GLU D 135 5.84 -3.19 -25.54
CA GLU D 135 5.77 -4.65 -25.57
C GLU D 135 5.74 -5.16 -27.00
N GLU D 141 4.20 -11.11 -30.04
CA GLU D 141 4.31 -10.42 -31.32
C GLU D 141 3.10 -9.52 -31.57
N ILE D 142 3.37 -8.27 -31.95
CA ILE D 142 2.31 -7.32 -32.23
C ILE D 142 2.24 -6.95 -33.70
N GLU D 143 1.07 -7.15 -34.30
CA GLU D 143 0.84 -6.78 -35.69
C GLU D 143 0.04 -5.49 -35.76
N THR D 144 0.50 -4.54 -36.57
CA THR D 144 -0.13 -3.22 -36.63
C THR D 144 -0.74 -2.91 -37.99
N ALA D 145 -2.00 -2.51 -38.00
CA ALA D 145 -2.66 -2.04 -39.21
C ALA D 145 -3.41 -0.75 -38.91
N LEU D 146 -2.67 0.31 -38.64
CA LEU D 146 -3.27 1.59 -38.29
C LEU D 146 -3.73 2.32 -39.54
N TYR D 147 -4.54 3.36 -39.36
CA TYR D 147 -5.04 4.14 -40.48
C TYR D 147 -4.12 5.32 -40.79
N ILE D 151 -4.68 11.30 -37.44
CA ILE D 151 -5.98 11.40 -36.77
C ILE D 151 -5.81 11.92 -35.33
N GLU D 152 -6.44 13.05 -35.05
CA GLU D 152 -6.32 13.70 -33.74
C GLU D 152 -7.66 13.81 -33.01
N VAL D 153 -7.62 13.67 -31.69
CA VAL D 153 -8.82 13.71 -30.86
C VAL D 153 -8.57 14.50 -29.57
N LYS D 154 -9.66 14.96 -28.96
CA LYS D 154 -9.61 15.57 -27.63
C LYS D 154 -9.65 14.47 -26.56
N MET D 155 -8.63 14.46 -25.71
CA MET D 155 -8.52 13.39 -24.72
C MET D 155 -7.46 13.66 -23.63
N HIS D 156 -7.14 12.59 -22.91
CA HIS D 156 -6.08 12.56 -21.91
C HIS D 156 -5.16 11.41 -22.25
N PRO D 157 -3.96 11.73 -22.76
CA PRO D 157 -2.97 10.77 -23.26
C PRO D 157 -2.70 9.62 -22.30
N LEU D 158 -2.53 9.92 -21.02
CA LEU D 158 -2.20 8.91 -20.02
C LEU D 158 -3.32 7.87 -19.85
N SER D 159 -4.56 8.34 -19.81
CA SER D 159 -5.72 7.47 -19.64
C SER D 159 -5.85 6.48 -20.79
N ILE D 160 -5.87 7.01 -22.02
CA ILE D 160 -5.93 6.17 -23.21
C ILE D 160 -4.75 5.20 -23.27
N LYS D 161 -3.57 5.71 -22.93
CA LYS D 161 -2.36 4.89 -22.85
C LYS D 161 -2.59 3.69 -21.95
N ARG D 162 -3.16 3.95 -20.78
CA ARG D 162 -3.49 2.91 -19.82
C ARG D 162 -4.51 1.92 -20.37
N ALA D 163 -5.50 2.43 -21.09
CA ALA D 163 -6.53 1.60 -21.70
C ALA D 163 -5.94 0.62 -22.72
N VAL D 164 -5.19 1.16 -23.67
CA VAL D 164 -4.55 0.35 -24.70
C VAL D 164 -3.61 -0.66 -24.05
N ALA D 165 -2.87 -0.21 -23.03
CA ALA D 165 -1.96 -1.09 -22.30
C ALA D 165 -2.70 -2.28 -21.70
N ASN D 166 -3.78 -2.00 -20.99
CA ASN D 166 -4.58 -3.05 -20.34
C ASN D 166 -5.20 -4.01 -21.35
N MET D 167 -5.65 -3.47 -22.47
CA MET D 167 -6.21 -4.30 -23.54
C MET D 167 -5.18 -5.22 -24.17
N VAL D 168 -3.99 -4.69 -24.43
CA VAL D 168 -2.89 -5.49 -24.97
C VAL D 168 -2.48 -6.57 -23.99
N VAL D 169 -2.36 -6.20 -22.71
CA VAL D 169 -2.01 -7.15 -21.66
C VAL D 169 -3.04 -8.28 -21.56
N ASN D 170 -4.32 -7.92 -21.60
CA ASN D 170 -5.39 -8.90 -21.58
C ASN D 170 -5.35 -9.83 -22.80
N ALA D 171 -5.12 -9.24 -23.96
CA ALA D 171 -5.04 -9.98 -25.21
C ALA D 171 -3.86 -10.94 -25.19
N ALA D 172 -2.80 -10.58 -24.48
CA ALA D 172 -1.65 -11.45 -24.33
C ALA D 172 -1.94 -12.56 -23.33
N ARG D 173 -2.69 -12.21 -22.29
CA ARG D 173 -3.03 -13.15 -21.23
C ARG D 173 -4.01 -14.23 -21.68
N TYR D 174 -4.85 -13.90 -22.66
CA TYR D 174 -5.87 -14.84 -23.11
C TYR D 174 -5.74 -15.25 -24.57
N GLY D 175 -4.92 -14.52 -25.33
CA GLY D 175 -4.70 -14.84 -26.73
C GLY D 175 -3.37 -15.52 -26.96
N ASN D 176 -3.41 -16.81 -27.27
CA ASN D 176 -2.19 -17.60 -27.48
C ASN D 176 -1.46 -17.23 -28.78
N GLY D 177 -0.67 -16.17 -28.74
CA GLY D 177 0.14 -15.79 -29.88
C GLY D 177 0.07 -14.33 -30.28
N TRP D 178 -0.71 -14.04 -31.33
CA TRP D 178 -0.70 -12.71 -31.94
C TRP D 178 -1.59 -11.69 -31.24
N ILE D 179 -1.26 -10.42 -31.43
CA ILE D 179 -2.09 -9.30 -30.96
C ILE D 179 -2.11 -8.23 -32.04
N LYS D 180 -3.29 -7.95 -32.60
CA LYS D 180 -3.40 -6.97 -33.68
C LYS D 180 -4.06 -5.66 -33.26
N VAL D 181 -3.32 -4.57 -33.37
CA VAL D 181 -3.84 -3.24 -33.07
C VAL D 181 -4.12 -2.46 -34.35
N SER D 182 -5.34 -1.95 -34.49
CA SER D 182 -5.71 -1.23 -35.71
C SER D 182 -6.50 0.04 -35.45
N SER D 183 -6.39 1.01 -36.38
CA SER D 183 -7.17 2.24 -36.31
C SER D 183 -8.08 2.41 -37.53
N GLY D 184 -8.77 3.54 -37.60
CA GLY D 184 -9.65 3.85 -38.71
C GLY D 184 -10.64 4.93 -38.32
N THR D 185 -11.55 5.26 -39.24
CA THR D 185 -12.52 6.32 -38.96
C THR D 185 -13.93 5.99 -39.46
N GLU D 186 -14.92 6.54 -38.75
CA GLU D 186 -16.32 6.46 -39.12
C GLU D 186 -16.90 7.79 -38.68
N PRO D 187 -18.08 8.17 -39.16
CA PRO D 187 -18.69 9.41 -38.66
C PRO D 187 -18.83 9.43 -37.13
N ARG D 189 -15.48 10.40 -34.29
CA ARG D 189 -14.84 9.64 -35.37
C ARG D 189 -13.49 9.07 -34.96
N ALA D 190 -13.53 7.93 -34.27
CA ALA D 190 -12.29 7.24 -33.90
C ALA D 190 -12.60 5.84 -33.41
N TRP D 191 -11.71 4.91 -33.75
CA TRP D 191 -11.80 3.55 -33.21
C TRP D 191 -10.44 2.87 -33.18
N PHE D 192 -10.04 2.38 -32.01
CA PHE D 192 -8.83 1.58 -31.93
C PHE D 192 -9.19 0.18 -31.46
N GLN D 193 -8.66 -0.83 -32.14
CA GLN D 193 -9.09 -2.19 -31.88
C GLN D 193 -7.92 -3.14 -31.62
N VAL D 194 -8.08 -3.97 -30.60
CA VAL D 194 -7.09 -4.99 -30.28
C VAL D 194 -7.70 -6.37 -30.45
N GLU D 195 -6.99 -7.24 -31.17
CA GLU D 195 -7.48 -8.59 -31.43
C GLU D 195 -6.48 -9.64 -30.98
N ASP D 196 -7.00 -10.78 -30.52
CA ASP D 196 -6.19 -11.91 -30.15
C ASP D 196 -6.70 -13.18 -30.83
N ASP D 197 -6.07 -14.31 -30.53
CA ASP D 197 -6.48 -15.58 -31.11
C ASP D 197 -6.94 -16.55 -30.02
N GLY D 198 -7.45 -15.99 -28.93
CA GLY D 198 -7.92 -16.79 -27.81
C GLY D 198 -9.43 -16.92 -27.80
N PRO D 199 -9.96 -17.81 -26.95
CA PRO D 199 -11.40 -18.03 -26.79
C PRO D 199 -12.13 -16.78 -26.32
N GLY D 200 -13.21 -16.43 -27.01
CA GLY D 200 -14.02 -15.28 -26.65
C GLY D 200 -14.92 -15.58 -25.47
N ILE D 201 -15.82 -14.66 -25.16
CA ILE D 201 -16.75 -14.84 -24.04
C ILE D 201 -18.06 -15.47 -24.50
N ALA D 202 -18.12 -16.80 -24.41
CA ALA D 202 -19.32 -17.59 -24.71
C ALA D 202 -19.77 -17.56 -26.18
N PRO D 203 -20.06 -18.74 -26.73
CA PRO D 203 -20.63 -18.87 -28.08
C PRO D 203 -22.06 -18.33 -28.14
N GLU D 204 -22.81 -18.53 -27.05
CA GLU D 204 -24.20 -18.11 -26.98
C GLU D 204 -24.33 -16.58 -26.99
N THR D 225 -15.08 -10.43 -17.03
CA THR D 225 -14.09 -9.42 -17.34
C THR D 225 -13.30 -9.00 -16.10
N GLY D 226 -11.98 -8.93 -16.25
CA GLY D 226 -11.11 -8.61 -15.14
C GLY D 226 -11.04 -7.13 -14.78
N LEU D 227 -10.04 -6.76 -14.00
CA LEU D 227 -9.86 -5.39 -13.55
C LEU D 227 -9.47 -4.49 -14.73
N GLY D 228 -8.56 -4.97 -15.56
CA GLY D 228 -8.06 -4.20 -16.69
C GLY D 228 -9.15 -3.75 -17.64
N LEU D 229 -10.03 -4.67 -18.01
CA LEU D 229 -11.12 -4.37 -18.92
C LEU D 229 -12.11 -3.37 -18.31
N ALA D 230 -12.29 -3.46 -16.99
CA ALA D 230 -13.16 -2.53 -16.28
C ALA D 230 -12.55 -1.14 -16.29
N ILE D 231 -11.23 -1.09 -16.14
CA ILE D 231 -10.49 0.16 -16.19
C ILE D 231 -10.60 0.79 -17.57
N VAL D 232 -10.45 -0.03 -18.60
CA VAL D 232 -10.62 0.41 -19.98
C VAL D 232 -12.03 0.98 -20.19
N GLN D 233 -13.02 0.26 -19.69
CA GLN D 233 -14.41 0.70 -19.79
C GLN D 233 -14.60 2.07 -19.14
N ARG D 234 -14.06 2.23 -17.93
CA ARG D 234 -14.19 3.49 -17.21
C ARG D 234 -13.50 4.63 -17.95
N ILE D 235 -12.34 4.35 -18.52
CA ILE D 235 -11.57 5.36 -19.25
C ILE D 235 -12.29 5.81 -20.51
N VAL D 236 -12.78 4.85 -21.30
CA VAL D 236 -13.50 5.19 -22.53
C VAL D 236 -14.85 5.83 -22.22
N ASP D 237 -15.39 5.56 -21.03
CA ASP D 237 -16.62 6.19 -20.60
C ASP D 237 -16.37 7.62 -20.16
N ASN D 238 -15.16 7.87 -19.65
CA ASN D 238 -14.77 9.22 -19.26
C ASN D 238 -14.64 10.16 -20.45
N HIS D 239 -14.27 9.60 -21.61
CA HIS D 239 -14.09 10.39 -22.82
C HIS D 239 -15.31 10.34 -23.73
N ASN D 240 -16.47 10.04 -23.13
CA ASN D 240 -17.73 9.95 -23.86
C ASN D 240 -17.67 8.98 -25.05
N GLY D 241 -17.02 7.84 -24.83
CA GLY D 241 -16.83 6.87 -25.89
C GLY D 241 -17.68 5.61 -25.74
N MET D 242 -17.33 4.59 -26.53
CA MET D 242 -18.07 3.34 -26.54
C MET D 242 -17.12 2.15 -26.67
N LEU D 243 -17.35 1.13 -25.85
CA LEU D 243 -16.53 -0.08 -25.90
C LEU D 243 -17.32 -1.21 -26.57
N GLU D 244 -16.69 -1.90 -27.50
CA GLU D 244 -17.37 -2.91 -28.31
C GLU D 244 -16.56 -4.19 -28.45
N LEU D 245 -17.10 -5.29 -27.91
CA LEU D 245 -16.44 -6.59 -28.01
C LEU D 245 -16.96 -7.38 -29.20
N GLY D 246 -16.13 -8.25 -29.74
CA GLY D 246 -16.52 -9.06 -30.88
C GLY D 246 -15.45 -10.06 -31.28
N LEU D 253 -11.53 -12.89 -29.70
CA LEU D 253 -11.87 -11.63 -29.04
C LEU D 253 -11.27 -10.41 -29.72
N SER D 254 -12.13 -9.45 -30.02
CA SER D 254 -11.70 -8.20 -30.62
C SER D 254 -12.36 -7.04 -29.90
N ILE D 255 -11.57 -6.24 -29.20
CA ILE D 255 -12.11 -5.12 -28.46
C ILE D 255 -11.80 -3.79 -29.16
N ARG D 256 -12.85 -3.09 -29.56
CA ARG D 256 -12.70 -1.82 -30.25
C ARG D 256 -13.26 -0.68 -29.39
N ALA D 257 -12.54 0.44 -29.35
CA ALA D 257 -12.94 1.58 -28.54
C ALA D 257 -13.15 2.81 -29.42
N TRP D 258 -14.33 3.41 -29.29
CA TRP D 258 -14.71 4.60 -30.07
C TRP D 258 -14.52 5.89 -29.27
N LEU D 259 -14.15 6.96 -29.95
CA LEU D 259 -14.01 8.28 -29.33
C LEU D 259 -14.52 9.40 -30.24
N PRO D 260 -15.16 10.42 -29.65
CA PRO D 260 -15.66 11.58 -30.38
C PRO D 260 -14.53 12.50 -30.87
N VAL D 261 -14.76 13.25 -31.95
CA VAL D 261 -13.72 14.12 -32.51
C VAL D 261 -14.08 15.61 -32.57
N PRO D 262 -15.13 15.98 -33.33
CA PRO D 262 -15.34 17.42 -33.49
C PRO D 262 -16.05 18.04 -32.29
#